data_4WJW
#
_entry.id   4WJW
#
_cell.length_a   218.613
_cell.length_b   218.613
_cell.length_c   137.848
_cell.angle_alpha   90.00
_cell.angle_beta   90.00
_cell.angle_gamma   120.00
#
_symmetry.space_group_name_H-M   'P 63 2 2'
#
loop_
_entity.id
_entity.type
_entity.pdbx_description
1 polymer 'Chitin biosynthesis protein CHS5'
2 polymer 'Chitin biosynthesis protein CHS6'
3 polymer 'CHITIN SYNTHASE 3'
4 water water
#
loop_
_entity_poly.entity_id
_entity_poly.type
_entity_poly.pdbx_seq_one_letter_code
_entity_poly.pdbx_strand_id
1 'polypeptide(L)' MSSVDVLLTVGKLDASLALLTTQDHHVIEFPTVLLPENVKAGSIIKMQVSQNLEEEKKQRNHFKSIQAKILEKYGTH A
2 'polypeptide(L)'
;MNLFWPSETKKQNEIPGGDYTPGNSPSVQKGYQFLNRDIFKSCPRIMERQFGECLHNRTHLIKDLISSGNVGLGPIEIVH
MSYLNKHEKEEFGEYFYVTGIEVSGPAMPVEFLEVLKSSKRISKNISNNIILTYCCFNFFSNLDIRIRYDADDTFQTTAI
DCNKETTDLTMTEKMWEETFASSVIRAIITNTNPELKPPGLVECPFYVGKDTISSCKKIIELLCRFLPRSLNCGWDSTKS
MQATIVNNYLMYSLKSFIAITPSLVDFTIDYLKGLTKKDPIHDIYYKTAMITILDHIETKELDMITILNETLDPLLSLLN
DLPPRDADSARLMNCMSDLLNIQTNFLLNRGDYELALGVSNTSTELALDSFESWYNLARCHIKKEEYEKALFAINSMPRL
RKNDGHLETMYSRFLTSNYYKKPLNGTREHYDLTAMEFTNLSGTLRNWKEDELKRQIFGRIAMINEKKIGYTKEIWDDIA
IKLGPICGPQSVNLINYVSPQEVKNIKNINLIARNTIGKQLGWFSGKIYGLLMEIVNKIGWNGLLNIRTEAFMMETEFYQ
ASNNIIDENGHIPMESRKKRFCEGWLDDLFLDLYQDLKLSKISLSNKDEKHSGLEWELLGLIMLRTWHWEDAVACLRTSI
VARFDPVSCQQLLKIYLQPPKNIQEVTLLDTDTIISLLIKKISYDCRYYNYCQIFNLQLLEKLCNELGTHILRNKILLQP
SIGDEIMVMIDAMLAWIADLDHTVQPGTENLYFQGHHHHHH
;
B
3 'polypeptide(L)' DDYYLNLNQDEESLLRSRC P
#
# COMPACT_ATOMS: atom_id res chain seq x y z
N VAL A 4 -8.00 48.28 15.88
CA VAL A 4 -8.22 49.59 16.47
C VAL A 4 -6.89 50.29 16.76
N ASP A 5 -6.92 51.25 17.68
CA ASP A 5 -5.73 52.01 18.03
C ASP A 5 -5.85 52.61 19.44
N VAL A 6 -5.61 51.78 20.44
CA VAL A 6 -5.73 52.21 21.83
C VAL A 6 -4.37 52.46 22.47
N LEU A 7 -4.38 52.63 23.79
CA LEU A 7 -3.17 52.79 24.58
C LEU A 7 -3.50 52.50 26.03
N LEU A 8 -3.21 51.26 26.45
CA LEU A 8 -3.65 50.78 27.75
C LEU A 8 -2.54 50.80 28.80
N THR A 9 -2.58 51.79 29.68
CA THR A 9 -1.63 51.88 30.79
C THR A 9 -1.88 50.74 31.77
N VAL A 10 -0.80 50.24 32.38
CA VAL A 10 -0.91 49.06 33.22
C VAL A 10 -0.81 49.38 34.70
N GLY A 11 -1.30 48.45 35.52
CA GLY A 11 -0.98 48.39 36.94
C GLY A 11 -0.41 47.01 37.17
N LYS A 12 -1.10 46.01 36.61
CA LYS A 12 -0.59 44.64 36.47
C LYS A 12 -0.08 44.04 37.77
N ALA A 18 -2.51 42.11 35.74
CA ALA A 18 -3.09 41.84 34.44
C ALA A 18 -3.97 43.01 33.96
N LEU A 19 -4.39 43.84 34.90
CA LEU A 19 -5.32 44.93 34.62
C LEU A 19 -4.67 46.07 33.84
N LEU A 20 -5.26 46.40 32.69
CA LEU A 20 -4.83 47.54 31.89
C LEU A 20 -5.82 48.70 32.07
N THR A 21 -5.44 49.88 31.62
CA THR A 21 -6.29 51.06 31.80
C THR A 21 -6.13 52.07 30.67
N THR A 22 -7.26 52.58 30.19
CA THR A 22 -7.27 53.59 29.14
C THR A 22 -7.04 54.99 29.73
N GLN A 23 -6.94 55.99 28.86
CA GLN A 23 -6.79 57.37 29.30
C GLN A 23 -8.06 57.82 30.02
N ASP A 24 -9.21 57.39 29.50
CA ASP A 24 -10.50 57.69 30.11
C ASP A 24 -10.85 56.67 31.18
N HIS A 25 -9.85 55.86 31.56
CA HIS A 25 -9.92 54.95 32.70
C HIS A 25 -10.92 53.81 32.55
N HIS A 26 -11.09 53.29 31.33
CA HIS A 26 -11.78 52.03 31.14
C HIS A 26 -10.78 50.91 31.34
N VAL A 27 -11.15 49.89 32.09
CA VAL A 27 -10.18 48.88 32.51
C VAL A 27 -10.39 47.50 31.89
N ILE A 28 -9.55 47.15 30.94
CA ILE A 28 -9.54 45.81 30.36
C ILE A 28 -8.50 44.95 31.06
N GLU A 29 -8.87 43.71 31.38
CA GLU A 29 -7.97 42.80 32.11
C GLU A 29 -7.44 41.71 31.19
N PHE A 30 -6.16 41.79 30.85
CA PHE A 30 -5.58 40.86 29.89
C PHE A 30 -4.36 40.12 30.43
N PRO A 31 -4.28 38.83 30.12
CA PRO A 31 -3.08 38.02 30.32
C PRO A 31 -2.52 38.06 31.75
N THR A 32 -2.97 37.12 32.57
CA THR A 32 -2.53 37.02 33.97
C THR A 32 -1.01 36.92 34.08
N VAL A 33 -0.42 36.19 33.14
CA VAL A 33 1.03 36.06 33.06
C VAL A 33 1.46 35.78 31.62
N LEU A 34 0.49 35.80 30.72
CA LEU A 34 0.77 35.67 29.30
C LEU A 34 1.31 36.98 28.76
N LEU A 35 1.14 38.05 29.54
CA LEU A 35 1.70 39.35 29.21
C LEU A 35 3.21 39.26 29.34
N PRO A 36 3.93 40.01 28.51
CA PRO A 36 5.38 39.85 28.38
C PRO A 36 6.15 40.26 29.63
N GLU A 37 7.42 39.88 29.65
CA GLU A 37 8.35 40.35 30.67
C GLU A 37 8.98 41.66 30.20
N ASN A 38 8.47 42.16 29.09
CA ASN A 38 8.88 43.44 28.52
C ASN A 38 7.79 44.49 28.76
N VAL A 39 6.97 44.24 29.78
CA VAL A 39 5.94 45.18 30.20
C VAL A 39 6.00 45.33 31.71
N LYS A 40 5.70 46.53 32.20
CA LYS A 40 5.91 46.81 33.63
C LYS A 40 4.66 47.35 34.33
N ALA A 41 4.71 47.33 35.65
CA ALA A 41 3.71 48.02 36.45
C ALA A 41 3.80 49.51 36.16
N GLY A 42 2.68 50.10 35.75
CA GLY A 42 2.63 51.47 35.25
C GLY A 42 3.52 51.63 34.02
N SER A 43 3.36 50.71 33.08
CA SER A 43 3.93 50.87 31.74
C SER A 43 2.78 51.07 30.75
N ILE A 44 3.06 51.70 29.63
CA ILE A 44 2.02 51.96 28.63
C ILE A 44 2.22 51.07 27.41
N ILE A 45 1.14 50.46 26.93
CA ILE A 45 1.21 49.64 25.72
C ILE A 45 0.59 50.38 24.55
N LYS A 46 0.47 49.71 23.42
CA LYS A 46 -0.14 50.29 22.23
C LYS A 46 -0.87 49.23 21.42
N MET A 47 -2.01 48.78 21.94
CA MET A 47 -2.77 47.69 21.33
C MET A 47 -3.43 48.12 20.03
N GLN A 48 -4.03 47.15 19.33
CA GLN A 48 -4.71 47.42 18.08
C GLN A 48 -5.75 46.34 17.78
N SER A 50 -1.95 44.96 15.76
CA SER A 50 -2.74 43.77 16.08
C SER A 50 -3.85 43.53 15.07
N GLN A 51 -3.99 42.28 14.64
CA GLN A 51 -5.05 41.81 13.73
C GLN A 51 -5.38 42.76 12.58
N ASN A 52 -4.43 42.89 11.65
CA ASN A 52 -4.65 43.59 10.38
C ASN A 52 -5.31 42.62 9.43
N LEU A 53 -6.57 42.87 9.11
CA LEU A 53 -7.28 41.98 8.19
C LEU A 53 -7.48 42.68 6.85
N GLU A 54 -6.53 43.55 6.52
CA GLU A 54 -6.44 44.13 5.19
C GLU A 54 -5.44 43.34 4.35
N GLU A 55 -4.35 42.85 4.96
CA GLU A 55 -3.33 42.17 4.19
C GLU A 55 -3.67 40.71 3.91
N GLU A 56 -4.97 40.43 3.88
CA GLU A 56 -5.45 39.09 3.54
C GLU A 56 -5.71 38.95 2.04
N LYS A 57 -5.83 40.09 1.37
CA LYS A 57 -6.10 40.12 -0.06
C LYS A 57 -4.80 40.22 -0.86
N LYS A 58 -3.67 40.56 -0.23
CA LYS A 58 -2.39 40.62 -0.98
C LYS A 58 -2.08 39.21 -1.43
N GLN A 59 -2.22 38.29 -0.48
CA GLN A 59 -1.83 36.91 -0.67
C GLN A 59 -2.91 36.17 -1.43
N ARG A 60 -4.14 36.67 -1.37
CA ARG A 60 -5.18 36.18 -2.28
C ARG A 60 -4.80 36.56 -3.71
N ASN A 61 -4.34 37.80 -3.90
CA ASN A 61 -3.85 38.24 -5.21
C ASN A 61 -2.63 37.45 -5.61
N HIS A 62 -1.73 37.25 -4.65
CA HIS A 62 -0.50 36.54 -4.92
C HIS A 62 -0.85 35.10 -5.28
N PHE A 63 -1.84 34.55 -4.59
CA PHE A 63 -2.29 33.19 -4.84
C PHE A 63 -2.90 33.07 -6.23
N LYS A 64 -3.81 33.97 -6.56
CA LYS A 64 -4.45 33.95 -7.88
C LYS A 64 -3.46 34.19 -9.00
N SER A 65 -2.46 35.03 -8.74
CA SER A 65 -1.45 35.35 -9.75
C SER A 65 -0.60 34.13 -10.08
N ILE A 66 -0.14 33.43 -9.05
CA ILE A 66 0.68 32.23 -9.24
C ILE A 66 -0.12 31.14 -9.95
N GLN A 67 -1.39 31.00 -9.58
CA GLN A 67 -2.27 30.05 -10.25
C GLN A 67 -2.47 30.41 -11.72
N ALA A 68 -2.48 31.70 -12.00
CA ALA A 68 -2.66 32.19 -13.37
C ALA A 68 -1.41 31.91 -14.21
N LYS A 69 -0.24 32.02 -13.58
CA LYS A 69 1.01 31.78 -14.30
C LYS A 69 1.16 30.30 -14.64
N ILE A 70 0.71 29.44 -13.75
CA ILE A 70 0.77 28.00 -13.97
C ILE A 70 -0.17 27.59 -15.09
N LEU A 71 -1.39 28.12 -15.06
CA LEU A 71 -2.39 27.84 -16.08
C LEU A 71 -1.92 28.31 -17.45
N GLU A 72 -1.33 29.49 -17.50
CA GLU A 72 -0.81 30.07 -18.73
C GLU A 72 0.30 29.21 -19.33
N LYS A 73 1.16 28.68 -18.47
CA LYS A 73 2.38 28.03 -18.92
C LYS A 73 2.22 26.52 -19.17
N TYR A 74 1.29 25.89 -18.47
CA TYR A 74 1.14 24.44 -18.56
C TYR A 74 -0.29 23.99 -18.84
N GLY A 75 -1.17 24.92 -19.20
CA GLY A 75 -2.57 24.60 -19.36
C GLY A 75 -3.20 24.98 -20.69
N THR A 76 -2.88 26.16 -21.20
CA THR A 76 -3.52 26.67 -22.42
C THR A 76 -2.55 26.70 -23.60
N HIS A 77 -2.94 27.44 -24.65
CA HIS A 77 -2.13 27.52 -25.86
C HIS A 77 -1.62 28.94 -26.10
N GLY B 31 -12.53 -20.45 -19.32
CA GLY B 31 -11.32 -19.65 -19.31
C GLY B 31 -11.03 -19.05 -17.94
N TYR B 32 -11.63 -17.89 -17.65
CA TYR B 32 -11.44 -17.26 -16.36
C TYR B 32 -12.16 -18.06 -15.26
N GLN B 33 -13.28 -18.67 -15.61
CA GLN B 33 -14.03 -19.50 -14.66
C GLN B 33 -13.26 -20.76 -14.32
N PHE B 34 -12.60 -21.34 -15.33
CA PHE B 34 -11.72 -22.48 -15.12
C PHE B 34 -10.63 -22.10 -14.12
N LEU B 35 -10.00 -20.95 -14.34
CA LEU B 35 -8.95 -20.45 -13.47
C LEU B 35 -9.44 -20.20 -12.05
N ASN B 36 -10.60 -19.55 -11.92
CA ASN B 36 -11.16 -19.25 -10.61
C ASN B 36 -11.47 -20.50 -9.80
N ARG B 37 -12.08 -21.50 -10.44
CA ARG B 37 -12.40 -22.74 -9.76
C ARG B 37 -11.14 -23.47 -9.33
N ASP B 38 -10.11 -23.42 -10.16
CA ASP B 38 -8.83 -24.03 -9.82
C ASP B 38 -8.19 -23.34 -8.60
N ILE B 39 -8.32 -22.02 -8.55
CA ILE B 39 -7.83 -21.27 -7.40
C ILE B 39 -8.62 -21.64 -6.14
N PHE B 40 -9.94 -21.78 -6.29
CA PHE B 40 -10.80 -22.15 -5.16
C PHE B 40 -10.47 -23.53 -4.60
N LYS B 41 -9.98 -24.42 -5.47
CA LYS B 41 -9.66 -25.79 -5.06
C LYS B 41 -8.23 -25.91 -4.52
N SER B 42 -7.48 -24.82 -4.56
CA SER B 42 -6.07 -24.86 -4.19
C SER B 42 -5.76 -24.05 -2.93
N CYS B 43 -6.77 -23.78 -2.13
CA CYS B 43 -6.60 -23.00 -0.91
C CYS B 43 -5.97 -23.83 0.21
N PRO B 44 -5.17 -23.18 1.07
CA PRO B 44 -4.53 -23.85 2.21
C PRO B 44 -5.52 -24.17 3.32
N ARG B 45 -5.01 -24.72 4.43
CA ARG B 45 -5.85 -25.02 5.59
C ARG B 45 -5.10 -24.71 6.88
N ILE B 46 -5.71 -23.87 7.72
CA ILE B 46 -5.18 -23.64 9.06
C ILE B 46 -6.01 -24.44 10.06
N MET B 47 -5.34 -25.20 10.92
CA MET B 47 -6.05 -25.98 11.95
C MET B 47 -6.35 -25.12 13.16
N GLU B 48 -7.64 -24.95 13.46
CA GLU B 48 -8.06 -24.31 14.71
C GLU B 48 -7.59 -25.15 15.90
N ARG B 49 -6.99 -24.50 16.89
CA ARG B 49 -6.60 -25.18 18.11
C ARG B 49 -7.84 -25.68 18.83
N GLN B 50 -8.68 -24.72 19.24
CA GLN B 50 -9.94 -25.04 19.88
C GLN B 50 -11.08 -24.48 19.04
N PHE B 51 -12.12 -25.29 18.85
CA PHE B 51 -13.15 -24.99 17.85
C PHE B 51 -13.83 -23.64 18.04
N GLY B 52 -13.83 -22.84 16.98
CA GLY B 52 -14.52 -21.56 16.99
C GLY B 52 -13.69 -20.40 17.48
N GLU B 53 -12.42 -20.64 17.80
CA GLU B 53 -11.53 -19.57 18.26
C GLU B 53 -11.36 -18.53 17.16
N CYS B 54 -11.38 -19.01 15.92
CA CYS B 54 -11.21 -18.19 14.74
C CYS B 54 -12.30 -17.12 14.61
N LEU B 55 -13.54 -17.49 14.88
CA LEU B 55 -14.67 -16.57 14.77
C LEU B 55 -14.77 -15.65 16.00
N HIS B 56 -14.40 -16.19 17.16
CA HIS B 56 -14.45 -15.42 18.40
C HIS B 56 -13.34 -14.37 18.45
N ASN B 57 -12.15 -14.73 17.95
CA ASN B 57 -11.05 -13.78 17.87
C ASN B 57 -11.34 -12.66 16.86
N ARG B 58 -12.00 -13.02 15.77
CA ARG B 58 -12.40 -12.05 14.77
C ARG B 58 -13.38 -11.03 15.35
N THR B 59 -14.39 -11.53 16.04
CA THR B 59 -15.41 -10.68 16.65
C THR B 59 -14.80 -9.76 17.71
N HIS B 60 -13.85 -10.30 18.48
CA HIS B 60 -13.20 -9.54 19.53
C HIS B 60 -12.28 -8.47 18.93
N LEU B 61 -11.60 -8.82 17.85
CA LEU B 61 -10.73 -7.89 17.13
C LEU B 61 -11.54 -6.70 16.62
N ILE B 62 -12.72 -6.99 16.07
CA ILE B 62 -13.58 -5.96 15.52
C ILE B 62 -14.07 -5.01 16.60
N LYS B 63 -14.41 -5.55 17.76
CA LYS B 63 -14.85 -4.73 18.89
C LYS B 63 -13.76 -3.78 19.35
N ASP B 64 -12.53 -4.28 19.42
CA ASP B 64 -11.39 -3.44 19.79
C ASP B 64 -11.16 -2.34 18.77
N LEU B 65 -11.28 -2.69 17.48
CA LEU B 65 -11.12 -1.71 16.42
C LEU B 65 -12.15 -0.59 16.53
N ILE B 66 -13.39 -0.96 16.80
CA ILE B 66 -14.48 0.01 16.89
C ILE B 66 -14.33 0.91 18.12
N SER B 67 -13.96 0.31 19.24
CA SER B 67 -13.81 1.06 20.49
C SER B 67 -12.42 1.68 20.63
N SER B 68 -11.67 1.72 19.53
CA SER B 68 -10.39 2.42 19.50
C SER B 68 -10.49 3.62 18.58
N GLY B 69 -11.61 3.75 17.88
CA GLY B 69 -11.86 4.91 17.06
C GLY B 69 -11.53 4.74 15.60
N ASN B 70 -10.50 3.95 15.29
CA ASN B 70 -10.13 3.73 13.90
C ASN B 70 -10.14 2.25 13.50
N VAL B 71 -11.23 1.85 12.87
CA VAL B 71 -11.41 0.51 12.34
C VAL B 71 -10.52 0.30 11.12
N GLY B 72 -10.36 1.34 10.32
CA GLY B 72 -9.65 1.24 9.07
C GLY B 72 -10.39 0.34 8.11
N LEU B 73 -9.69 -0.63 7.53
CA LEU B 73 -10.30 -1.55 6.58
C LEU B 73 -10.88 -2.77 7.28
N GLY B 74 -10.60 -2.90 8.57
CA GLY B 74 -11.04 -4.05 9.34
C GLY B 74 -10.25 -5.29 8.93
N PRO B 75 -10.69 -6.46 9.40
CA PRO B 75 -9.98 -7.71 9.12
C PRO B 75 -10.19 -8.24 7.70
N ILE B 76 -9.20 -8.97 7.21
CA ILE B 76 -9.29 -9.70 5.95
C ILE B 76 -10.39 -10.74 6.02
N GLU B 77 -11.01 -11.07 4.88
CA GLU B 77 -12.03 -12.10 4.84
C GLU B 77 -11.48 -13.47 5.26
N ILE B 78 -12.34 -14.30 5.84
CA ILE B 78 -11.97 -15.68 6.15
C ILE B 78 -13.03 -16.63 5.64
N VAL B 79 -12.60 -17.85 5.35
CA VAL B 79 -13.51 -18.95 5.12
C VAL B 79 -13.33 -19.94 6.27
N HIS B 80 -14.41 -20.24 6.97
CA HIS B 80 -14.34 -21.19 8.07
C HIS B 80 -15.05 -22.48 7.73
N MET B 81 -14.41 -23.60 8.07
CA MET B 81 -14.95 -24.91 7.75
C MET B 81 -15.12 -25.71 9.04
N SER B 82 -16.35 -26.18 9.28
CA SER B 82 -16.66 -26.91 10.51
C SER B 82 -16.84 -28.40 10.23
N TYR B 83 -15.98 -29.21 10.83
CA TYR B 83 -16.01 -30.65 10.59
C TYR B 83 -16.36 -31.43 11.85
N LEU B 84 -16.90 -32.62 11.66
CA LEU B 84 -17.14 -33.53 12.78
C LEU B 84 -16.32 -34.80 12.62
N ASN B 85 -15.43 -35.03 13.58
CA ASN B 85 -14.80 -36.34 13.71
C ASN B 85 -15.85 -37.25 14.35
N LYS B 86 -15.99 -38.47 13.85
CA LYS B 86 -17.09 -39.34 14.29
C LYS B 86 -16.71 -40.38 15.33
N HIS B 87 -15.54 -41.02 15.19
CA HIS B 87 -14.99 -41.91 16.22
C HIS B 87 -15.18 -41.21 17.57
N GLU B 88 -14.19 -40.33 17.81
CA GLU B 88 -14.26 -39.26 18.79
C GLU B 88 -15.46 -38.42 18.40
N LYS B 89 -16.16 -37.85 19.36
CA LYS B 89 -17.30 -37.02 19.01
C LYS B 89 -16.90 -35.55 19.13
N GLU B 90 -15.76 -35.25 18.50
CA GLU B 90 -15.14 -33.94 18.49
C GLU B 90 -15.53 -33.12 17.25
N GLU B 91 -16.02 -31.90 17.46
CA GLU B 91 -16.11 -30.97 16.36
C GLU B 91 -14.75 -30.30 16.23
N PHE B 92 -14.32 -30.02 15.00
CA PHE B 92 -13.08 -29.28 14.80
C PHE B 92 -13.19 -28.40 13.57
N GLY B 93 -12.33 -27.38 13.49
CA GLY B 93 -12.42 -26.41 12.44
C GLY B 93 -11.15 -26.16 11.66
N GLU B 94 -11.32 -25.77 10.40
CA GLU B 94 -10.22 -25.31 9.58
C GLU B 94 -10.59 -23.97 8.96
N TYR B 95 -9.61 -23.13 8.64
CA TYR B 95 -9.89 -21.86 8.01
C TYR B 95 -8.72 -21.32 7.22
N PHE B 96 -8.98 -20.29 6.43
CA PHE B 96 -7.92 -19.57 5.73
C PHE B 96 -8.38 -18.17 5.35
N TYR B 97 -7.41 -17.29 5.12
CA TYR B 97 -7.71 -15.91 4.78
C TYR B 97 -7.79 -15.74 3.26
N VAL B 98 -8.69 -14.87 2.81
CA VAL B 98 -8.90 -14.69 1.38
C VAL B 98 -9.32 -13.26 1.05
N THR B 99 -8.85 -12.75 -0.09
CA THR B 99 -9.33 -11.47 -0.61
C THR B 99 -9.71 -11.64 -2.07
N GLY B 100 -10.51 -10.70 -2.58
CA GLY B 100 -10.77 -10.65 -4.00
C GLY B 100 -12.06 -11.28 -4.45
N ILE B 101 -12.78 -11.92 -3.54
CA ILE B 101 -14.14 -12.36 -3.84
C ILE B 101 -15.04 -11.13 -3.81
N GLU B 102 -15.71 -10.85 -4.93
CA GLU B 102 -16.60 -9.70 -5.00
C GLU B 102 -17.92 -10.00 -4.33
N VAL B 103 -18.24 -9.24 -3.30
CA VAL B 103 -19.49 -9.43 -2.58
C VAL B 103 -20.53 -8.43 -3.08
N SER B 104 -20.83 -8.51 -4.38
CA SER B 104 -21.90 -7.72 -4.97
C SER B 104 -23.18 -8.04 -4.21
N GLY B 105 -23.45 -9.33 -4.13
CA GLY B 105 -24.47 -9.88 -3.25
C GLY B 105 -23.91 -11.21 -2.77
N PRO B 106 -24.79 -12.16 -2.44
CA PRO B 106 -24.33 -13.46 -1.93
C PRO B 106 -23.86 -14.45 -2.99
N ALA B 107 -24.15 -14.19 -4.26
CA ALA B 107 -23.93 -15.17 -5.34
C ALA B 107 -22.51 -15.70 -5.43
N MET B 108 -21.52 -14.81 -5.48
CA MET B 108 -20.14 -15.22 -5.68
C MET B 108 -19.50 -15.90 -4.46
N PRO B 109 -19.73 -15.39 -3.24
CA PRO B 109 -19.25 -16.18 -2.11
C PRO B 109 -19.88 -17.57 -2.05
N VAL B 110 -21.18 -17.66 -2.34
CA VAL B 110 -21.87 -18.94 -2.33
C VAL B 110 -21.29 -19.90 -3.38
N GLU B 111 -20.98 -19.37 -4.56
CA GLU B 111 -20.35 -20.17 -5.60
C GLU B 111 -19.01 -20.72 -5.11
N PHE B 112 -18.26 -19.86 -4.43
CA PHE B 112 -16.98 -20.25 -3.83
C PHE B 112 -17.18 -21.39 -2.84
N LEU B 113 -18.15 -21.24 -1.93
CA LEU B 113 -18.42 -22.26 -0.92
C LEU B 113 -18.91 -23.56 -1.56
N GLU B 114 -19.73 -23.44 -2.60
CA GLU B 114 -20.25 -24.60 -3.31
C GLU B 114 -19.12 -25.41 -3.95
N VAL B 115 -18.12 -24.72 -4.49
CA VAL B 115 -16.97 -25.39 -5.07
C VAL B 115 -16.19 -26.12 -4.00
N LEU B 116 -16.01 -25.45 -2.86
CA LEU B 116 -15.29 -26.03 -1.74
C LEU B 116 -15.92 -27.33 -1.27
N LYS B 117 -17.25 -27.36 -1.17
CA LYS B 117 -17.93 -28.54 -0.64
C LYS B 117 -18.07 -29.65 -1.67
N SER B 118 -18.30 -29.29 -2.94
CA SER B 118 -18.52 -30.29 -3.97
C SER B 118 -17.20 -31.00 -4.34
N SER B 119 -16.08 -30.34 -4.06
CA SER B 119 -14.77 -30.88 -4.41
C SER B 119 -14.04 -31.45 -3.20
N LYS B 120 -14.75 -31.64 -2.09
CA LYS B 120 -14.14 -32.16 -0.87
C LYS B 120 -13.76 -33.62 -1.04
N ARG B 121 -12.66 -34.01 -0.41
CA ARG B 121 -12.25 -35.41 -0.38
C ARG B 121 -11.99 -35.82 1.06
N ILE B 122 -12.96 -36.48 1.69
CA ILE B 122 -12.86 -36.81 3.10
C ILE B 122 -12.93 -38.30 3.37
N SER B 123 -12.41 -38.70 4.53
CA SER B 123 -12.40 -40.10 4.91
C SER B 123 -13.71 -40.50 5.59
N LYS B 124 -13.83 -41.78 5.93
CA LYS B 124 -15.05 -42.33 6.49
C LYS B 124 -15.35 -41.77 7.88
N ASN B 125 -14.29 -41.39 8.60
CA ASN B 125 -14.44 -40.92 9.98
C ASN B 125 -14.94 -39.48 10.06
N ILE B 126 -14.85 -38.76 8.96
CA ILE B 126 -15.34 -37.39 8.90
C ILE B 126 -16.77 -37.37 8.38
N SER B 127 -17.65 -36.69 9.11
CA SER B 127 -19.05 -36.58 8.71
C SER B 127 -19.19 -35.80 7.40
N ASN B 128 -20.22 -36.13 6.64
CA ASN B 128 -20.52 -35.40 5.41
C ASN B 128 -21.23 -34.08 5.71
N ASN B 129 -21.70 -33.95 6.95
CA ASN B 129 -22.31 -32.72 7.40
C ASN B 129 -21.26 -31.67 7.76
N ILE B 130 -20.98 -30.77 6.81
CA ILE B 130 -20.00 -29.73 7.00
C ILE B 130 -20.66 -28.36 6.92
N ILE B 131 -20.29 -27.46 7.81
CA ILE B 131 -20.75 -26.09 7.76
C ILE B 131 -19.65 -25.20 7.22
N LEU B 132 -19.96 -24.44 6.17
CA LEU B 132 -19.00 -23.51 5.59
C LEU B 132 -19.46 -22.08 5.83
N THR B 133 -18.54 -21.21 6.22
CA THR B 133 -18.89 -19.83 6.50
C THR B 133 -17.91 -18.87 5.82
N TYR B 134 -18.44 -17.86 5.16
CA TYR B 134 -17.63 -16.80 4.56
C TYR B 134 -17.89 -15.50 5.30
N CYS B 135 -16.82 -14.82 5.70
CA CYS B 135 -16.95 -13.59 6.47
C CYS B 135 -16.33 -12.41 5.75
N CYS B 136 -17.13 -11.38 5.50
CA CYS B 136 -16.63 -10.16 4.87
C CYS B 136 -17.02 -8.94 5.70
N PHE B 137 -16.03 -8.20 6.17
CA PHE B 137 -16.30 -7.04 7.01
C PHE B 137 -16.61 -5.79 6.19
N ASN B 138 -17.66 -5.09 6.61
CA ASN B 138 -18.10 -3.85 5.99
C ASN B 138 -17.76 -2.67 6.89
N PHE B 139 -16.70 -1.93 6.53
CA PHE B 139 -16.21 -0.87 7.40
C PHE B 139 -16.95 0.46 7.20
N PHE B 140 -17.97 0.46 6.35
CA PHE B 140 -18.81 1.63 6.20
C PHE B 140 -19.88 1.65 7.28
N SER B 141 -20.34 0.47 7.69
CA SER B 141 -21.37 0.37 8.73
C SER B 141 -20.87 -0.40 9.94
N ASN B 142 -19.61 -0.82 9.92
CA ASN B 142 -19.03 -1.65 10.98
C ASN B 142 -19.85 -2.90 11.23
N LEU B 143 -20.25 -3.55 10.14
CA LEU B 143 -20.97 -4.82 10.19
C LEU B 143 -20.10 -5.93 9.63
N ASP B 144 -20.05 -7.06 10.33
CA ASP B 144 -19.36 -8.22 9.78
C ASP B 144 -20.40 -9.12 9.13
N ILE B 145 -20.33 -9.25 7.81
CA ILE B 145 -21.34 -9.96 7.05
C ILE B 145 -20.92 -11.41 6.88
N ARG B 146 -21.77 -12.33 7.33
CA ARG B 146 -21.41 -13.74 7.34
C ARG B 146 -22.41 -14.61 6.58
N ILE B 147 -21.88 -15.33 5.59
CA ILE B 147 -22.69 -16.20 4.76
C ILE B 147 -22.42 -17.66 5.13
N ARG B 148 -23.44 -18.29 5.69
CA ARG B 148 -23.35 -19.67 6.19
C ARG B 148 -23.88 -20.64 5.15
N TYR B 149 -23.10 -21.70 4.87
CA TYR B 149 -23.50 -22.67 3.87
C TYR B 149 -23.51 -24.09 4.43
N ASP B 150 -24.69 -24.72 4.43
CA ASP B 150 -24.86 -26.02 5.07
C ASP B 150 -24.82 -27.18 4.09
N ALA B 151 -24.84 -28.39 4.64
CA ALA B 151 -24.70 -29.61 3.84
C ALA B 151 -25.95 -29.93 3.02
N ASP B 152 -27.05 -29.25 3.33
CA ASP B 152 -28.29 -29.42 2.56
C ASP B 152 -28.37 -28.37 1.46
N ASP B 153 -27.22 -27.75 1.17
CA ASP B 153 -27.08 -26.76 0.11
C ASP B 153 -27.93 -25.51 0.30
N THR B 154 -28.36 -25.26 1.53
CA THR B 154 -29.04 -24.01 1.85
C THR B 154 -28.02 -23.01 2.38
N PHE B 155 -28.29 -21.73 2.18
CA PHE B 155 -27.43 -20.70 2.74
C PHE B 155 -28.26 -19.60 3.39
N GLN B 156 -27.65 -18.90 4.34
CA GLN B 156 -28.27 -17.75 4.94
C GLN B 156 -27.21 -16.68 5.21
N THR B 157 -27.60 -15.42 5.06
CA THR B 157 -26.69 -14.32 5.28
C THR B 157 -27.05 -13.60 6.58
N THR B 158 -26.03 -13.23 7.34
CA THR B 158 -26.25 -12.55 8.61
C THR B 158 -25.32 -11.35 8.76
N ALA B 159 -25.88 -10.21 9.14
CA ALA B 159 -25.10 -9.01 9.40
C ALA B 159 -24.89 -8.83 10.90
N ILE B 160 -23.64 -8.93 11.34
CA ILE B 160 -23.32 -8.84 12.76
C ILE B 160 -22.75 -7.47 13.14
N ASP B 161 -23.38 -6.82 14.11
CA ASP B 161 -22.81 -5.66 14.76
C ASP B 161 -22.08 -6.13 16.00
N CYS B 162 -20.79 -5.82 16.08
CA CYS B 162 -19.96 -6.35 17.18
C CYS B 162 -19.98 -5.45 18.41
N ASN B 163 -20.24 -4.16 18.23
CA ASN B 163 -20.34 -3.26 19.37
C ASN B 163 -21.67 -3.45 20.10
N LYS B 164 -22.75 -3.59 19.33
CA LYS B 164 -24.09 -3.81 19.88
C LYS B 164 -24.30 -5.30 20.20
N GLU B 165 -23.19 -6.04 20.19
CA GLU B 165 -23.13 -7.47 20.51
C GLU B 165 -24.28 -8.36 19.97
N THR B 166 -25.36 -8.53 20.72
CA THR B 166 -26.41 -9.51 20.34
C THR B 166 -27.09 -9.24 18.99
N THR B 167 -26.85 -8.07 18.42
CA THR B 167 -27.51 -7.61 17.22
C THR B 167 -27.20 -8.38 15.93
N ASP B 168 -28.25 -8.78 15.22
CA ASP B 168 -28.15 -9.33 13.86
C ASP B 168 -29.17 -8.64 12.96
N LEU B 169 -28.75 -8.21 11.76
CA LEU B 169 -29.58 -7.34 10.93
C LEU B 169 -30.11 -7.94 9.62
N THR B 170 -31.00 -7.19 8.98
CA THR B 170 -31.52 -7.53 7.66
C THR B 170 -30.75 -6.73 6.60
N MET B 171 -30.34 -7.42 5.53
CA MET B 171 -29.43 -6.84 4.54
C MET B 171 -30.15 -6.09 3.42
N THR B 172 -29.93 -4.78 3.33
CA THR B 172 -30.46 -4.00 2.22
C THR B 172 -29.47 -3.95 1.05
N GLU B 173 -29.94 -3.49 -0.11
CA GLU B 173 -29.09 -3.39 -1.28
C GLU B 173 -28.02 -2.32 -1.08
N LYS B 174 -28.33 -1.34 -0.25
CA LYS B 174 -27.38 -0.27 0.05
C LYS B 174 -26.19 -0.82 0.84
N MET B 175 -26.46 -1.69 1.80
CA MET B 175 -25.37 -2.26 2.58
C MET B 175 -24.66 -3.41 1.87
N TRP B 176 -25.35 -4.06 0.93
CA TRP B 176 -24.65 -5.02 0.05
C TRP B 176 -23.61 -4.29 -0.77
N GLU B 177 -23.94 -3.07 -1.18
CA GLU B 177 -23.06 -2.31 -2.06
C GLU B 177 -21.83 -1.81 -1.31
N GLU B 178 -21.96 -1.54 -0.01
CA GLU B 178 -20.81 -1.05 0.73
C GLU B 178 -19.95 -2.22 1.23
N THR B 179 -20.52 -3.41 1.31
CA THR B 179 -19.70 -4.61 1.55
C THR B 179 -18.86 -4.88 0.31
N PHE B 180 -19.50 -4.75 -0.84
CA PHE B 180 -18.84 -4.85 -2.14
C PHE B 180 -17.65 -3.89 -2.19
N ALA B 181 -17.89 -2.61 -1.90
CA ALA B 181 -16.82 -1.61 -1.94
C ALA B 181 -15.76 -1.90 -0.89
N SER B 182 -16.18 -2.41 0.26
CA SER B 182 -15.25 -2.79 1.31
C SER B 182 -14.29 -3.89 0.83
N SER B 183 -14.83 -4.90 0.16
CA SER B 183 -14.02 -6.04 -0.26
C SER B 183 -13.03 -5.63 -1.35
N VAL B 184 -13.47 -4.76 -2.26
CA VAL B 184 -12.63 -4.32 -3.36
C VAL B 184 -11.50 -3.41 -2.88
N ILE B 185 -11.84 -2.44 -2.04
CA ILE B 185 -10.84 -1.55 -1.46
C ILE B 185 -9.79 -2.33 -0.69
N ARG B 186 -10.25 -3.25 0.16
CA ARG B 186 -9.36 -4.05 0.99
C ARG B 186 -8.47 -4.96 0.15
N ALA B 187 -9.02 -5.53 -0.92
CA ALA B 187 -8.25 -6.41 -1.79
C ALA B 187 -7.11 -5.67 -2.49
N ILE B 188 -7.39 -4.48 -2.99
CA ILE B 188 -6.39 -3.65 -3.66
C ILE B 188 -5.30 -3.17 -2.70
N ILE B 189 -5.71 -2.61 -1.57
CA ILE B 189 -4.76 -2.11 -0.58
C ILE B 189 -3.87 -3.22 -0.04
N THR B 190 -4.49 -4.35 0.32
CA THR B 190 -3.74 -5.50 0.84
C THR B 190 -2.75 -6.05 -0.19
N ASN B 191 -3.19 -6.15 -1.46
CA ASN B 191 -2.33 -6.72 -2.50
C ASN B 191 -1.10 -5.86 -2.80
N THR B 192 -1.23 -4.55 -2.69
CA THR B 192 -0.14 -3.64 -3.02
C THR B 192 0.72 -3.31 -1.81
N ASN B 193 0.45 -3.96 -0.68
CA ASN B 193 1.24 -3.77 0.54
C ASN B 193 1.51 -5.10 1.24
N PRO B 194 2.61 -5.77 0.84
CA PRO B 194 2.98 -7.10 1.36
C PRO B 194 3.14 -7.15 2.88
N GLU B 195 3.43 -6.03 3.52
CA GLU B 195 3.57 -6.01 4.98
C GLU B 195 2.23 -6.22 5.68
N LEU B 196 1.13 -6.02 4.96
CA LEU B 196 -0.21 -6.25 5.52
C LEU B 196 -0.69 -7.69 5.28
N LYS B 197 0.12 -8.50 4.60
CA LYS B 197 -0.33 -9.83 4.22
C LYS B 197 0.06 -10.89 5.24
N PRO B 198 -0.91 -11.70 5.68
CA PRO B 198 -0.57 -12.87 6.50
C PRO B 198 -0.08 -14.01 5.62
N PRO B 199 0.78 -14.88 6.16
CA PRO B 199 1.28 -16.02 5.37
C PRO B 199 0.15 -16.98 5.02
N GLY B 200 0.00 -17.30 3.73
CA GLY B 200 -1.04 -18.21 3.30
C GLY B 200 -2.27 -17.51 2.76
N LEU B 201 -2.19 -16.19 2.66
CA LEU B 201 -3.30 -15.39 2.15
C LEU B 201 -3.64 -15.71 0.70
N VAL B 202 -4.90 -16.07 0.46
CA VAL B 202 -5.37 -16.32 -0.89
C VAL B 202 -5.89 -15.02 -1.51
N GLU B 203 -5.25 -14.57 -2.57
CA GLU B 203 -5.68 -13.35 -3.24
C GLU B 203 -6.25 -13.68 -4.62
N CYS B 204 -7.56 -13.51 -4.77
CA CYS B 204 -8.24 -13.82 -6.01
C CYS B 204 -8.19 -12.64 -6.99
N PRO B 205 -8.18 -12.93 -8.30
CA PRO B 205 -8.20 -11.86 -9.29
C PRO B 205 -9.60 -11.27 -9.45
N PHE B 206 -9.94 -10.31 -8.59
CA PHE B 206 -11.26 -9.70 -8.57
C PHE B 206 -11.63 -9.00 -9.88
N TYR B 207 -10.61 -8.68 -10.70
CA TYR B 207 -10.80 -7.87 -11.90
C TYR B 207 -11.19 -8.67 -13.14
N VAL B 208 -11.24 -10.00 -13.03
CA VAL B 208 -11.64 -10.80 -14.19
C VAL B 208 -13.13 -11.08 -14.18
N GLY B 209 -13.67 -11.36 -15.35
CA GLY B 209 -15.09 -11.63 -15.50
C GLY B 209 -15.39 -12.08 -16.92
N LYS B 210 -16.67 -12.16 -17.25
CA LYS B 210 -17.09 -12.61 -18.58
C LYS B 210 -16.76 -11.55 -19.63
N ASP B 211 -17.04 -10.29 -19.30
CA ASP B 211 -16.57 -9.17 -20.11
C ASP B 211 -15.60 -8.33 -19.29
N THR B 212 -14.34 -8.37 -19.66
CA THR B 212 -13.27 -7.72 -18.92
C THR B 212 -13.52 -6.23 -18.71
N ILE B 213 -13.80 -5.52 -19.81
CA ILE B 213 -14.03 -4.09 -19.77
C ILE B 213 -15.19 -3.74 -18.85
N SER B 214 -16.28 -4.50 -18.97
CA SER B 214 -17.46 -4.28 -18.15
C SER B 214 -17.17 -4.51 -16.67
N SER B 215 -16.41 -5.57 -16.37
CA SER B 215 -16.04 -5.88 -14.99
C SER B 215 -15.20 -4.76 -14.38
N CYS B 216 -14.28 -4.22 -15.18
CA CYS B 216 -13.41 -3.15 -14.72
C CYS B 216 -14.16 -1.84 -14.55
N LYS B 217 -15.09 -1.56 -15.46
CA LYS B 217 -15.93 -0.38 -15.37
C LYS B 217 -16.77 -0.41 -14.10
N LYS B 218 -17.33 -1.57 -13.79
CA LYS B 218 -18.19 -1.73 -12.62
C LYS B 218 -17.42 -1.44 -11.32
N ILE B 219 -16.18 -1.90 -11.26
CA ILE B 219 -15.32 -1.65 -10.10
C ILE B 219 -15.00 -0.16 -9.97
N ILE B 220 -14.61 0.46 -11.08
CA ILE B 220 -14.28 1.88 -11.09
C ILE B 220 -15.47 2.74 -10.70
N GLU B 221 -16.63 2.44 -11.26
CA GLU B 221 -17.84 3.20 -10.95
C GLU B 221 -18.22 3.06 -9.48
N LEU B 222 -17.95 1.88 -8.92
CA LEU B 222 -18.24 1.59 -7.53
C LEU B 222 -17.41 2.48 -6.61
N LEU B 223 -16.11 2.50 -6.86
CA LEU B 223 -15.19 3.32 -6.06
C LEU B 223 -15.49 4.81 -6.22
N CYS B 224 -15.86 5.21 -7.42
CA CYS B 224 -16.17 6.62 -7.69
C CYS B 224 -17.40 7.09 -6.93
N ARG B 225 -18.43 6.24 -6.88
CA ARG B 225 -19.67 6.63 -6.22
C ARG B 225 -19.52 6.71 -4.71
N PHE B 226 -18.49 6.06 -4.17
CA PHE B 226 -18.25 6.05 -2.73
C PHE B 226 -17.24 7.11 -2.30
N LEU B 227 -16.76 7.90 -3.26
CA LEU B 227 -15.82 8.98 -2.98
C LEU B 227 -16.25 9.98 -1.89
N PRO B 228 -17.55 10.33 -1.82
CA PRO B 228 -17.93 11.22 -0.71
C PRO B 228 -17.71 10.61 0.69
N ARG B 229 -17.53 9.30 0.75
CA ARG B 229 -17.36 8.62 2.02
C ARG B 229 -15.94 8.13 2.22
N SER B 230 -15.01 8.65 1.42
CA SER B 230 -13.64 8.17 1.41
C SER B 230 -12.89 8.43 2.72
N LEU B 231 -13.35 9.38 3.51
CA LEU B 231 -12.73 9.67 4.79
C LEU B 231 -13.07 8.62 5.84
N ASN B 232 -14.06 7.79 5.54
CA ASN B 232 -14.45 6.71 6.44
C ASN B 232 -13.82 5.39 6.04
N CYS B 233 -12.97 5.42 5.03
CA CYS B 233 -12.32 4.22 4.53
C CYS B 233 -10.96 3.97 5.18
N GLY B 234 -10.61 4.81 6.16
CA GLY B 234 -9.33 4.70 6.81
C GLY B 234 -8.19 5.25 5.97
N TRP B 235 -7.01 5.36 6.58
CA TRP B 235 -5.83 5.85 5.89
C TRP B 235 -4.56 5.25 6.46
N ASP B 236 -3.47 5.39 5.73
CA ASP B 236 -2.18 4.93 6.20
C ASP B 236 -1.51 6.03 7.02
N SER B 237 -1.37 5.78 8.33
CA SER B 237 -0.87 6.80 9.24
C SER B 237 0.64 6.99 9.14
N THR B 238 1.31 6.16 8.35
CA THR B 238 2.75 6.24 8.18
C THR B 238 3.13 7.18 7.04
N LYS B 239 2.13 7.63 6.29
CA LYS B 239 2.37 8.55 5.17
C LYS B 239 1.67 9.89 5.36
N SER B 240 0.73 9.94 6.29
CA SER B 240 -0.01 11.15 6.59
C SER B 240 -0.56 11.09 8.01
N MET B 241 -0.62 12.24 8.68
CA MET B 241 -1.05 12.24 10.07
C MET B 241 -2.54 11.99 10.21
N GLN B 242 -3.34 12.66 9.38
CA GLN B 242 -4.78 12.44 9.38
C GLN B 242 -5.25 12.03 7.99
N ALA B 243 -6.38 11.31 7.93
CA ALA B 243 -7.00 11.00 6.66
C ALA B 243 -7.46 12.28 5.98
N THR B 244 -7.15 12.41 4.69
CA THR B 244 -7.58 13.55 3.90
C THR B 244 -8.27 13.05 2.63
N ILE B 245 -8.89 13.98 1.90
CA ILE B 245 -9.55 13.62 0.64
C ILE B 245 -8.55 12.99 -0.33
N VAL B 246 -7.31 13.45 -0.28
CA VAL B 246 -6.24 12.84 -1.07
C VAL B 246 -5.70 11.58 -0.39
N ASN B 247 -5.39 11.69 0.89
CA ASN B 247 -4.78 10.58 1.62
C ASN B 247 -5.77 9.73 2.40
N ASN B 248 -6.30 8.72 1.71
CA ASN B 248 -7.18 7.73 2.30
C ASN B 248 -7.16 6.48 1.42
N TYR B 249 -7.66 5.36 1.94
CA TYR B 249 -7.52 4.08 1.23
C TYR B 249 -8.37 3.98 -0.03
N LEU B 250 -9.49 4.71 -0.06
CA LEU B 250 -10.34 4.68 -1.26
C LEU B 250 -9.61 5.34 -2.42
N MET B 251 -9.03 6.51 -2.18
CA MET B 251 -8.28 7.21 -3.21
C MET B 251 -7.06 6.41 -3.66
N TYR B 252 -6.38 5.77 -2.72
CA TYR B 252 -5.22 4.95 -3.04
C TYR B 252 -5.60 3.76 -3.91
N SER B 253 -6.71 3.12 -3.55
CA SER B 253 -7.15 1.92 -4.24
C SER B 253 -7.62 2.25 -5.65
N LEU B 254 -8.21 3.43 -5.82
CA LEU B 254 -8.66 3.87 -7.14
C LEU B 254 -7.46 4.19 -8.03
N LYS B 255 -6.43 4.79 -7.46
CA LYS B 255 -5.22 5.10 -8.21
C LYS B 255 -4.46 3.82 -8.59
N SER B 256 -4.41 2.87 -7.68
CA SER B 256 -3.71 1.61 -7.92
C SER B 256 -4.40 0.79 -9.01
N PHE B 257 -5.72 0.84 -9.07
CA PHE B 257 -6.46 0.05 -10.06
C PHE B 257 -6.42 0.70 -11.43
N ILE B 258 -6.54 2.02 -11.47
CA ILE B 258 -6.46 2.77 -12.72
C ILE B 258 -5.07 2.60 -13.35
N ALA B 259 -4.04 2.43 -12.51
CA ALA B 259 -2.68 2.22 -12.98
C ALA B 259 -2.53 0.97 -13.86
N ILE B 260 -3.44 0.00 -13.72
CA ILE B 260 -3.44 -1.16 -14.60
C ILE B 260 -4.63 -1.16 -15.54
N THR B 261 -5.39 -0.05 -15.57
CA THR B 261 -6.40 0.14 -16.60
C THR B 261 -6.29 1.51 -17.26
N PRO B 262 -5.13 1.82 -17.87
CA PRO B 262 -4.89 3.15 -18.45
C PRO B 262 -5.85 3.51 -19.58
N SER B 263 -6.47 2.52 -20.20
CA SER B 263 -7.37 2.77 -21.32
C SER B 263 -8.75 3.22 -20.83
N LEU B 264 -8.96 3.14 -19.52
CA LEU B 264 -10.25 3.51 -18.94
C LEU B 264 -10.20 4.85 -18.20
N VAL B 265 -9.08 5.57 -18.32
CA VAL B 265 -8.92 6.87 -17.68
C VAL B 265 -9.95 7.88 -18.20
N ASP B 266 -10.09 7.97 -19.51
CA ASP B 266 -11.06 8.90 -20.12
C ASP B 266 -12.48 8.56 -19.68
N PHE B 267 -12.79 7.27 -19.62
CA PHE B 267 -14.09 6.81 -19.18
C PHE B 267 -14.34 7.25 -17.74
N THR B 268 -13.32 7.10 -16.89
CA THR B 268 -13.43 7.42 -15.48
C THR B 268 -13.62 8.92 -15.26
N ILE B 269 -12.83 9.73 -15.99
CA ILE B 269 -12.97 11.18 -15.92
C ILE B 269 -14.39 11.60 -16.33
N ASP B 270 -14.93 10.96 -17.35
CA ASP B 270 -16.28 11.24 -17.80
C ASP B 270 -17.30 10.84 -16.74
N TYR B 271 -17.05 9.72 -16.07
CA TYR B 271 -17.97 9.24 -15.05
C TYR B 271 -17.95 10.20 -13.86
N LEU B 272 -16.77 10.67 -13.50
CA LEU B 272 -16.62 11.63 -12.40
C LEU B 272 -17.29 12.97 -12.72
N LYS B 273 -17.23 13.39 -13.98
CA LYS B 273 -17.89 14.63 -14.39
C LYS B 273 -19.40 14.49 -14.31
N GLY B 274 -19.89 13.29 -14.59
CA GLY B 274 -21.31 13.00 -14.48
C GLY B 274 -21.77 13.06 -13.03
N LEU B 275 -20.93 12.58 -12.13
CA LEU B 275 -21.23 12.58 -10.70
C LEU B 275 -21.33 14.00 -10.14
N THR B 276 -20.46 14.89 -10.62
CA THR B 276 -20.51 16.30 -10.21
C THR B 276 -21.82 16.96 -10.62
N LYS B 277 -22.32 16.60 -11.80
CA LYS B 277 -23.59 17.14 -12.29
C LYS B 277 -24.74 16.74 -11.39
N LYS B 278 -24.70 15.50 -10.91
CA LYS B 278 -25.79 14.94 -10.13
C LYS B 278 -25.60 15.15 -8.64
N ASP B 279 -24.34 15.30 -8.23
CA ASP B 279 -24.02 15.45 -6.81
C ASP B 279 -22.98 16.55 -6.58
N PRO B 280 -23.33 17.80 -6.93
CA PRO B 280 -22.36 18.91 -6.87
C PRO B 280 -21.92 19.28 -5.45
N ILE B 281 -22.70 18.88 -4.44
CA ILE B 281 -22.34 19.15 -3.05
C ILE B 281 -21.03 18.43 -2.65
N HIS B 282 -20.69 17.38 -3.38
CA HIS B 282 -19.44 16.64 -3.12
C HIS B 282 -18.42 16.83 -4.23
N ASP B 283 -18.48 17.99 -4.87
CA ASP B 283 -17.62 18.30 -6.01
C ASP B 283 -16.12 18.16 -5.71
N ILE B 284 -15.71 18.54 -4.50
CA ILE B 284 -14.30 18.52 -4.14
C ILE B 284 -13.72 17.10 -4.18
N TYR B 285 -14.54 16.11 -3.87
CA TYR B 285 -14.08 14.71 -3.89
C TYR B 285 -13.88 14.22 -5.32
N TYR B 286 -14.89 14.45 -6.16
CA TYR B 286 -14.86 14.01 -7.55
C TYR B 286 -13.71 14.68 -8.31
N LYS B 287 -13.51 15.97 -8.06
CA LYS B 287 -12.44 16.72 -8.73
C LYS B 287 -11.07 16.28 -8.24
N THR B 288 -10.97 15.94 -6.95
CA THR B 288 -9.72 15.46 -6.38
C THR B 288 -9.38 14.08 -6.95
N ALA B 289 -10.40 13.27 -7.21
CA ALA B 289 -10.18 11.98 -7.84
C ALA B 289 -9.69 12.15 -9.28
N MET B 290 -10.28 13.11 -9.99
CA MET B 290 -9.87 13.41 -11.36
C MET B 290 -8.39 13.77 -11.43
N ILE B 291 -7.97 14.65 -10.54
CA ILE B 291 -6.59 15.10 -10.48
C ILE B 291 -5.65 13.95 -10.13
N THR B 292 -6.06 13.14 -9.17
CA THR B 292 -5.28 11.98 -8.72
C THR B 292 -5.07 10.97 -9.85
N ILE B 293 -6.14 10.66 -10.56
CA ILE B 293 -6.08 9.73 -11.69
C ILE B 293 -5.12 10.21 -12.79
N LEU B 294 -5.19 11.49 -13.11
CA LEU B 294 -4.41 12.05 -14.21
C LEU B 294 -2.95 12.31 -13.82
N ASP B 295 -2.68 12.31 -12.52
CA ASP B 295 -1.34 12.56 -12.02
C ASP B 295 -0.36 11.50 -12.53
N HIS B 296 0.82 11.95 -12.97
CA HIS B 296 1.88 11.09 -13.48
C HIS B 296 1.51 10.40 -14.80
N ILE B 297 0.63 11.04 -15.57
CA ILE B 297 0.33 10.61 -16.94
C ILE B 297 0.66 11.76 -17.87
N GLU B 298 1.73 11.60 -18.65
CA GLU B 298 2.29 12.68 -19.45
C GLU B 298 1.32 13.24 -20.49
N THR B 299 0.51 12.35 -21.07
CA THR B 299 -0.48 12.76 -22.07
C THR B 299 -1.45 13.80 -21.51
N LYS B 300 -1.85 13.61 -20.26
CA LYS B 300 -2.95 14.39 -19.69
C LYS B 300 -2.50 15.47 -18.71
N GLU B 301 -1.28 15.97 -18.88
CA GLU B 301 -0.75 17.01 -18.00
C GLU B 301 -1.52 18.32 -18.13
N LEU B 302 -1.95 18.65 -19.34
CA LEU B 302 -2.69 19.87 -19.57
C LEU B 302 -4.07 19.78 -18.93
N ASP B 303 -4.70 18.61 -19.03
CA ASP B 303 -6.00 18.39 -18.43
C ASP B 303 -5.92 18.46 -16.90
N MET B 304 -4.87 17.87 -16.34
CA MET B 304 -4.70 17.87 -14.88
C MET B 304 -4.48 19.28 -14.34
N ILE B 305 -3.62 20.04 -15.01
CA ILE B 305 -3.34 21.42 -14.61
C ILE B 305 -4.59 22.28 -14.72
N THR B 306 -5.37 22.05 -15.76
CA THR B 306 -6.59 22.82 -15.99
C THR B 306 -7.62 22.58 -14.89
N ILE B 307 -7.83 21.31 -14.55
CA ILE B 307 -8.76 20.93 -13.50
C ILE B 307 -8.26 21.39 -12.14
N LEU B 308 -6.95 21.29 -11.93
CA LEU B 308 -6.33 21.83 -10.72
C LEU B 308 -6.64 23.31 -10.57
N ASN B 309 -6.59 24.04 -11.68
CA ASN B 309 -6.86 25.47 -11.67
C ASN B 309 -8.29 25.81 -11.27
N GLU B 310 -9.25 25.08 -11.82
CA GLU B 310 -10.66 25.38 -11.58
C GLU B 310 -11.14 24.76 -10.27
N THR B 311 -10.28 24.00 -9.62
CA THR B 311 -10.61 23.41 -8.33
C THR B 311 -10.00 24.23 -7.20
N LEU B 312 -8.83 24.80 -7.46
CA LEU B 312 -8.07 25.48 -6.41
C LEU B 312 -8.48 26.93 -6.17
N ASP B 313 -8.92 27.65 -7.21
CA ASP B 313 -9.15 29.07 -6.98
C ASP B 313 -10.61 29.50 -6.70
N PRO B 314 -11.56 28.55 -6.63
CA PRO B 314 -12.65 28.82 -5.68
C PRO B 314 -12.08 28.49 -4.32
N LEU B 315 -12.42 27.36 -3.69
CA LEU B 315 -11.68 26.80 -2.54
C LEU B 315 -10.78 27.78 -1.74
N LEU B 316 -9.90 28.49 -2.47
CA LEU B 316 -9.15 29.65 -1.95
C LEU B 316 -10.16 30.59 -1.31
N SER B 317 -11.45 30.54 -1.70
CA SER B 317 -12.47 31.47 -1.20
C SER B 317 -13.43 30.99 -0.12
N LEU B 318 -13.26 29.77 0.38
CA LEU B 318 -14.11 29.43 1.49
C LEU B 318 -13.37 30.03 2.70
N LEU B 319 -12.09 30.34 2.44
CA LEU B 319 -11.33 31.32 3.23
C LEU B 319 -11.79 32.09 4.49
N ASN B 320 -12.39 33.23 4.13
CA ASN B 320 -12.09 34.58 4.67
C ASN B 320 -13.27 35.11 5.45
N ASP B 321 -14.40 34.51 5.08
CA ASP B 321 -15.71 34.95 5.46
C ASP B 321 -16.02 34.35 6.83
N LEU B 322 -15.00 33.69 7.37
CA LEU B 322 -15.15 32.69 8.41
C LEU B 322 -14.37 32.94 9.68
N PRO B 323 -15.01 33.69 10.58
CA PRO B 323 -14.67 33.58 12.00
C PRO B 323 -15.23 32.33 12.75
N PRO B 324 -16.30 31.65 12.25
CA PRO B 324 -16.82 30.52 13.06
C PRO B 324 -15.87 29.33 13.38
N ARG B 325 -14.70 29.27 12.70
CA ARG B 325 -13.86 28.02 12.53
C ARG B 325 -14.64 26.73 12.86
N ASP B 326 -14.98 25.97 11.80
CA ASP B 326 -15.75 24.71 11.83
C ASP B 326 -14.83 23.53 11.42
N ALA B 327 -15.10 22.33 11.96
CA ALA B 327 -14.29 21.11 11.68
C ALA B 327 -14.17 20.69 10.20
N ASP B 328 -14.96 21.32 9.33
CA ASP B 328 -14.87 21.13 7.89
C ASP B 328 -13.83 22.07 7.27
N SER B 329 -13.45 23.10 8.02
CA SER B 329 -12.48 24.06 7.53
C SER B 329 -11.10 23.45 7.56
N ALA B 330 -10.88 22.56 8.54
CA ALA B 330 -9.61 21.87 8.64
C ALA B 330 -9.57 20.74 7.62
N ARG B 331 -10.76 20.25 7.29
CA ARG B 331 -10.91 19.19 6.30
C ARG B 331 -10.59 19.72 4.91
N LEU B 332 -10.89 20.99 4.68
CA LEU B 332 -10.70 21.59 3.36
C LEU B 332 -9.34 22.28 3.23
N MET B 333 -8.82 22.81 4.33
CA MET B 333 -7.47 23.35 4.33
C MET B 333 -6.48 22.23 4.03
N ASN B 334 -6.76 21.05 4.59
CA ASN B 334 -5.96 19.86 4.32
C ASN B 334 -5.98 19.51 2.84
N CYS B 335 -7.17 19.52 2.25
CA CYS B 335 -7.33 19.15 0.85
C CYS B 335 -6.68 20.17 -0.07
N MET B 336 -6.90 21.45 0.21
CA MET B 336 -6.29 22.53 -0.56
C MET B 336 -4.78 22.42 -0.50
N SER B 337 -4.26 22.06 0.68
CA SER B 337 -2.82 21.89 0.86
C SER B 337 -2.30 20.71 0.04
N ASP B 338 -3.06 19.61 0.00
CA ASP B 338 -2.65 18.42 -0.72
C ASP B 338 -2.67 18.63 -2.24
N LEU B 339 -3.60 19.46 -2.71
CA LEU B 339 -3.67 19.77 -4.14
C LEU B 339 -2.52 20.69 -4.55
N LEU B 340 -2.11 21.57 -3.65
CA LEU B 340 -0.96 22.44 -3.89
C LEU B 340 0.33 21.62 -3.96
N ASN B 341 0.40 20.59 -3.11
CA ASN B 341 1.55 19.69 -3.12
C ASN B 341 1.68 18.96 -4.45
N ILE B 342 0.55 18.56 -5.03
CA ILE B 342 0.54 17.94 -6.34
C ILE B 342 1.07 18.94 -7.38
N GLN B 343 0.66 20.19 -7.25
CA GLN B 343 1.13 21.25 -8.13
C GLN B 343 2.63 21.49 -7.94
N THR B 344 3.07 21.56 -6.69
CA THR B 344 4.47 21.79 -6.37
C THR B 344 5.36 20.71 -6.96
N ASN B 345 4.93 19.46 -6.81
CA ASN B 345 5.69 18.33 -7.32
C ASN B 345 5.76 18.33 -8.85
N PHE B 346 4.69 18.80 -9.47
CA PHE B 346 4.64 18.94 -10.92
C PHE B 346 5.67 19.96 -11.40
N LEU B 347 5.72 21.10 -10.72
CA LEU B 347 6.60 22.20 -11.11
C LEU B 347 8.07 21.86 -10.88
N LEU B 348 8.36 21.14 -9.81
CA LEU B 348 9.73 20.72 -9.52
C LEU B 348 10.25 19.78 -10.60
N ASN B 349 9.39 18.87 -11.06
CA ASN B 349 9.78 17.86 -12.03
C ASN B 349 10.00 18.43 -13.43
N ARG B 350 9.54 19.65 -13.64
CA ARG B 350 9.72 20.35 -14.93
C ARG B 350 10.79 21.44 -14.80
N GLY B 351 11.41 21.51 -13.62
CA GLY B 351 12.49 22.46 -13.39
C GLY B 351 12.06 23.87 -13.04
N ASP B 352 10.75 24.07 -12.87
CA ASP B 352 10.21 25.40 -12.57
C ASP B 352 10.27 25.68 -11.07
N TYR B 353 11.48 25.93 -10.57
CA TYR B 353 11.72 26.01 -9.13
C TYR B 353 11.11 27.25 -8.49
N GLU B 354 11.12 28.36 -9.21
CA GLU B 354 10.59 29.61 -8.67
C GLU B 354 9.08 29.52 -8.47
N LEU B 355 8.39 28.96 -9.46
CA LEU B 355 6.95 28.82 -9.39
C LEU B 355 6.55 27.80 -8.31
N ALA B 356 7.37 26.78 -8.14
CA ALA B 356 7.10 25.74 -7.16
C ALA B 356 7.21 26.28 -5.74
N LEU B 357 8.15 27.19 -5.52
CA LEU B 357 8.37 27.76 -4.19
C LEU B 357 7.21 28.65 -3.77
N GLY B 358 6.60 29.34 -4.74
CA GLY B 358 5.45 30.17 -4.48
C GLY B 358 4.25 29.35 -4.05
N VAL B 359 4.08 28.20 -4.69
CA VAL B 359 3.01 27.28 -4.35
C VAL B 359 3.30 26.58 -3.02
N SER B 360 4.55 26.18 -2.82
CA SER B 360 4.93 25.43 -1.64
C SER B 360 4.85 26.26 -0.37
N ASN B 361 5.16 27.55 -0.48
CA ASN B 361 5.05 28.45 0.66
C ASN B 361 3.61 28.61 1.10
N THR B 362 2.72 28.73 0.13
CA THR B 362 1.28 28.84 0.41
C THR B 362 0.76 27.55 1.04
N SER B 363 1.25 26.42 0.55
CA SER B 363 0.80 25.11 1.03
C SER B 363 1.16 24.88 2.49
N THR B 364 2.32 25.38 2.90
CA THR B 364 2.81 25.16 4.26
C THR B 364 2.03 25.96 5.29
N GLU B 365 1.48 27.09 4.87
CA GLU B 365 0.68 27.94 5.75
C GLU B 365 -0.66 27.29 6.08
N LEU B 366 -1.29 26.71 5.06
CA LEU B 366 -2.61 26.09 5.21
C LEU B 366 -2.54 24.78 5.99
N ALA B 367 -1.36 24.19 6.05
CA ALA B 367 -1.18 22.93 6.77
C ALA B 367 0.22 22.82 7.37
N LEU B 368 0.39 23.40 8.56
CA LEU B 368 1.64 23.31 9.28
C LEU B 368 1.79 21.92 9.90
N ASP B 369 0.70 21.18 9.91
CA ASP B 369 0.66 19.83 10.45
C ASP B 369 1.03 18.79 9.40
N SER B 370 1.09 19.24 8.14
CA SER B 370 1.35 18.33 7.02
C SER B 370 2.84 18.08 6.80
N PHE B 371 3.22 16.81 6.87
CA PHE B 371 4.59 16.41 6.57
C PHE B 371 4.94 16.74 5.13
N GLU B 372 4.01 16.46 4.21
CA GLU B 372 4.25 16.59 2.79
C GLU B 372 4.49 18.04 2.38
N SER B 373 3.86 18.97 3.10
CA SER B 373 4.03 20.38 2.81
C SER B 373 5.42 20.86 3.16
N TRP B 374 5.94 20.39 4.29
CA TRP B 374 7.30 20.73 4.70
C TRP B 374 8.32 20.02 3.84
N TYR B 375 7.99 18.78 3.46
CA TYR B 375 8.86 17.97 2.61
C TYR B 375 9.09 18.64 1.26
N ASN B 376 8.01 19.09 0.61
CA ASN B 376 8.11 19.76 -0.67
C ASN B 376 8.80 21.11 -0.57
N LEU B 377 8.60 21.78 0.56
CA LEU B 377 9.26 23.07 0.79
C LEU B 377 10.77 22.87 0.84
N ALA B 378 11.20 21.83 1.55
CA ALA B 378 12.62 21.50 1.64
C ALA B 378 13.18 21.17 0.26
N ARG B 379 12.41 20.46 -0.55
CA ARG B 379 12.82 20.12 -1.91
C ARG B 379 13.01 21.36 -2.77
N CYS B 380 12.12 22.34 -2.61
CA CYS B 380 12.23 23.60 -3.34
C CYS B 380 13.53 24.31 -3.02
N HIS B 381 13.90 24.33 -1.74
CA HIS B 381 15.10 25.02 -1.30
C HIS B 381 16.37 24.29 -1.74
N ILE B 382 16.32 22.95 -1.73
CA ILE B 382 17.44 22.14 -2.17
C ILE B 382 17.75 22.38 -3.64
N LYS B 383 16.71 22.32 -4.47
CA LYS B 383 16.86 22.56 -5.90
C LYS B 383 17.36 23.96 -6.20
N LYS B 384 17.01 24.91 -5.32
CA LYS B 384 17.48 26.29 -5.44
C LYS B 384 18.79 26.49 -4.70
N GLU B 385 19.38 25.38 -4.25
CA GLU B 385 20.67 25.39 -3.55
C GLU B 385 20.66 26.28 -2.31
N GLU B 386 19.50 26.37 -1.66
CA GLU B 386 19.38 27.07 -0.38
C GLU B 386 19.31 26.02 0.73
N TYR B 387 20.44 25.40 1.01
CA TYR B 387 20.48 24.21 1.86
C TYR B 387 20.13 24.49 3.32
N GLU B 388 20.49 25.66 3.81
CA GLU B 388 20.17 26.04 5.19
C GLU B 388 18.66 26.10 5.37
N LYS B 389 17.98 26.76 4.44
CA LYS B 389 16.53 26.90 4.51
C LYS B 389 15.84 25.55 4.40
N ALA B 390 16.42 24.66 3.61
CA ALA B 390 15.90 23.30 3.48
C ALA B 390 16.00 22.56 4.81
N LEU B 391 17.12 22.76 5.51
CA LEU B 391 17.35 22.04 6.76
C LEU B 391 16.46 22.59 7.88
N PHE B 392 16.12 23.86 7.80
CA PHE B 392 15.17 24.45 8.73
C PHE B 392 13.79 23.83 8.54
N ALA B 393 13.41 23.65 7.28
CA ALA B 393 12.13 23.06 6.93
C ALA B 393 12.02 21.63 7.44
N ILE B 394 13.14 20.91 7.40
CA ILE B 394 13.19 19.54 7.89
C ILE B 394 13.04 19.52 9.41
N ASN B 395 13.66 20.49 10.08
CA ASN B 395 13.57 20.59 11.53
C ASN B 395 12.18 21.02 11.98
N SER B 396 11.62 22.02 11.31
CA SER B 396 10.29 22.50 11.61
C SER B 396 9.22 21.62 10.97
N MET B 397 9.31 20.32 11.23
CA MET B 397 8.48 19.34 10.59
C MET B 397 7.90 18.38 11.63
N PRO B 398 6.60 18.07 11.52
CA PRO B 398 5.89 17.28 12.53
C PRO B 398 6.28 15.80 12.56
N ARG B 399 6.18 15.19 13.74
CA ARG B 399 6.51 13.77 13.89
C ARG B 399 5.25 12.91 13.76
N ARG B 413 0.60 -5.01 15.18
CA ARG B 413 0.16 -5.19 13.79
C ARG B 413 -0.95 -6.28 13.77
N PHE B 414 -2.20 -5.85 13.84
CA PHE B 414 -3.36 -6.76 13.77
C PHE B 414 -3.04 -8.14 14.37
N LEU B 415 -2.85 -8.21 15.69
CA LEU B 415 -2.12 -9.28 16.41
C LEU B 415 -1.87 -10.69 15.78
N THR B 416 -2.29 -10.88 14.53
CA THR B 416 -2.19 -12.12 13.73
C THR B 416 -0.88 -12.92 13.69
N SER B 417 -0.98 -14.24 13.46
CA SER B 417 0.02 -15.10 12.75
C SER B 417 0.70 -16.20 13.54
N ASN B 418 0.18 -16.46 14.74
CA ASN B 418 0.59 -17.61 15.51
C ASN B 418 0.75 -18.96 14.79
N TYR B 419 0.01 -19.13 13.71
CA TYR B 419 -0.19 -20.43 13.08
C TYR B 419 0.89 -20.83 12.09
N TYR B 420 1.80 -19.91 11.78
CA TYR B 420 2.80 -20.17 10.76
C TYR B 420 4.20 -20.25 11.34
N LYS B 421 4.97 -21.23 10.89
CA LYS B 421 6.36 -21.38 11.33
C LYS B 421 7.29 -21.44 10.12
N LYS B 422 8.26 -20.52 10.09
CA LYS B 422 9.20 -20.42 8.98
C LYS B 422 10.14 -21.61 8.89
N PRO B 423 10.42 -22.08 7.66
CA PRO B 423 11.34 -23.18 7.41
C PRO B 423 12.81 -22.79 7.60
N LEU B 424 13.12 -21.50 7.52
CA LEU B 424 14.49 -20.99 7.68
C LEU B 424 15.49 -21.75 6.82
N ASN B 425 15.20 -21.84 5.53
CA ASN B 425 16.06 -22.51 4.55
C ASN B 425 16.37 -23.96 4.91
N GLY B 426 15.37 -24.66 5.43
CA GLY B 426 15.47 -26.09 5.68
C GLY B 426 16.35 -26.50 6.84
N THR B 427 16.58 -25.57 7.78
CA THR B 427 17.46 -25.87 8.91
C THR B 427 16.71 -26.32 10.14
N ARG B 428 15.42 -25.99 10.21
CA ARG B 428 14.60 -26.41 11.35
C ARG B 428 13.28 -27.00 10.90
N GLU B 429 12.69 -27.82 11.74
CA GLU B 429 11.41 -28.43 11.44
C GLU B 429 10.26 -27.49 11.81
N HIS B 430 9.26 -27.44 10.94
CA HIS B 430 8.17 -26.48 11.05
C HIS B 430 6.83 -27.19 11.19
N TYR B 431 6.61 -27.82 12.35
CA TYR B 431 5.44 -28.65 12.56
C TYR B 431 4.92 -28.54 13.99
N ASP B 432 3.79 -27.86 14.16
CA ASP B 432 3.23 -27.64 15.50
C ASP B 432 1.84 -28.26 15.65
N LEU B 433 1.61 -29.38 14.97
CA LEU B 433 0.33 -30.09 15.07
C LEU B 433 0.40 -31.28 16.02
N THR B 434 -0.68 -31.51 16.74
CA THR B 434 -0.79 -32.73 17.54
C THR B 434 -1.20 -33.87 16.63
N ALA B 435 -1.05 -35.10 17.12
CA ALA B 435 -1.37 -36.29 16.31
C ALA B 435 -2.84 -36.32 15.91
N MET B 436 -3.72 -35.93 16.83
CA MET B 436 -5.14 -35.89 16.57
C MET B 436 -5.47 -34.79 15.56
N GLU B 437 -4.77 -33.67 15.68
CA GLU B 437 -4.96 -32.56 14.74
C GLU B 437 -4.52 -32.95 13.34
N PHE B 438 -3.49 -33.79 13.24
CA PHE B 438 -3.02 -34.25 11.94
C PHE B 438 -3.97 -35.28 11.34
N THR B 439 -4.47 -36.17 12.19
CA THR B 439 -5.44 -37.18 11.76
C THR B 439 -6.67 -36.52 11.17
N ASN B 440 -7.14 -35.46 11.84
CA ASN B 440 -8.31 -34.73 11.37
C ASN B 440 -8.04 -34.00 10.07
N LEU B 441 -6.86 -33.39 9.96
CA LEU B 441 -6.46 -32.69 8.75
C LEU B 441 -6.40 -33.65 7.57
N SER B 442 -5.74 -34.78 7.77
CA SER B 442 -5.65 -35.81 6.73
C SER B 442 -7.02 -36.31 6.33
N GLY B 443 -7.89 -36.47 7.34
CA GLY B 443 -9.25 -36.93 7.11
C GLY B 443 -10.08 -36.01 6.23
N THR B 444 -9.71 -34.73 6.20
CA THR B 444 -10.42 -33.76 5.36
C THR B 444 -9.68 -33.50 4.05
N LEU B 445 -8.50 -34.11 3.93
CA LEU B 445 -7.70 -34.03 2.71
C LEU B 445 -7.30 -35.45 2.28
N ARG B 446 -8.31 -36.25 1.99
CA ARG B 446 -8.13 -37.69 1.76
C ARG B 446 -7.34 -37.99 0.48
N ASN B 447 -7.40 -37.09 -0.49
CA ASN B 447 -6.71 -37.29 -1.77
C ASN B 447 -5.21 -37.04 -1.67
N TRP B 448 -4.79 -36.40 -0.58
CA TRP B 448 -3.36 -36.18 -0.34
C TRP B 448 -2.76 -37.36 0.40
N LYS B 449 -1.62 -37.85 -0.08
CA LYS B 449 -0.87 -38.89 0.63
C LYS B 449 -0.11 -38.20 1.77
N GLU B 450 -0.12 -38.85 2.95
CA GLU B 450 0.08 -38.14 4.21
C GLU B 450 1.48 -37.57 4.48
N ASP B 451 2.52 -38.22 3.98
CA ASP B 451 3.87 -37.68 4.12
C ASP B 451 4.09 -36.51 3.16
N GLU B 452 3.39 -36.48 2.04
CA GLU B 452 3.46 -35.32 1.16
C GLU B 452 2.74 -34.16 1.82
N LEU B 453 1.66 -34.48 2.53
CA LEU B 453 0.89 -33.47 3.24
C LEU B 453 1.68 -32.88 4.40
N LYS B 454 2.39 -33.73 5.13
CA LYS B 454 3.13 -33.27 6.31
C LYS B 454 4.30 -32.37 5.91
N ARG B 455 4.88 -32.63 4.74
CA ARG B 455 6.01 -31.82 4.28
C ARG B 455 5.59 -30.40 3.91
N GLN B 456 4.30 -30.21 3.65
CA GLN B 456 3.81 -28.89 3.25
C GLN B 456 3.08 -28.18 4.40
N ILE B 457 3.22 -28.71 5.61
CA ILE B 457 2.71 -28.05 6.80
C ILE B 457 3.79 -27.15 7.42
N PHE B 458 3.47 -25.88 7.57
CA PHE B 458 4.40 -24.91 8.13
C PHE B 458 3.86 -24.35 9.43
N GLY B 459 4.11 -25.06 10.53
CA GLY B 459 3.52 -24.72 11.80
C GLY B 459 2.17 -25.41 11.95
N ARG B 460 1.09 -24.65 11.75
CA ARG B 460 -0.25 -25.18 11.88
C ARG B 460 -1.08 -24.96 10.62
N ILE B 461 -0.42 -24.50 9.56
CA ILE B 461 -1.10 -24.29 8.29
C ILE B 461 -0.56 -25.24 7.21
N ALA B 462 -1.47 -25.94 6.53
CA ALA B 462 -1.09 -26.80 5.42
C ALA B 462 -1.01 -25.98 4.13
N MET B 463 0.22 -25.69 3.69
CA MET B 463 0.44 -24.87 2.51
C MET B 463 0.31 -25.68 1.22
N ILE B 464 -0.83 -26.34 1.05
CA ILE B 464 -1.08 -27.14 -0.13
C ILE B 464 -1.62 -26.29 -1.28
N ASN B 465 -1.13 -26.55 -2.47
CA ASN B 465 -1.59 -25.88 -3.68
C ASN B 465 -1.86 -26.93 -4.75
N GLU B 466 -3.10 -27.41 -4.78
CA GLU B 466 -3.46 -28.60 -5.52
C GLU B 466 -3.40 -28.49 -7.04
N LYS B 467 -3.97 -27.43 -7.59
CA LYS B 467 -4.08 -27.30 -9.05
C LYS B 467 -2.80 -26.77 -9.68
N LYS B 468 -1.87 -26.33 -8.85
CA LYS B 468 -0.53 -25.94 -9.28
C LYS B 468 -0.51 -24.83 -10.35
N ILE B 469 -1.49 -23.93 -10.31
CA ILE B 469 -1.46 -22.80 -11.22
C ILE B 469 -0.27 -21.90 -10.88
N GLY B 470 0.59 -21.67 -11.87
CA GLY B 470 1.76 -20.82 -11.69
C GLY B 470 3.02 -21.61 -11.34
N TYR B 471 2.87 -22.93 -11.33
CA TYR B 471 3.97 -23.84 -10.98
C TYR B 471 5.16 -23.78 -11.94
N THR B 472 6.35 -23.67 -11.35
CA THR B 472 7.59 -24.05 -12.04
C THR B 472 8.40 -24.87 -11.05
N LYS B 473 9.14 -25.86 -11.53
CA LYS B 473 9.87 -26.78 -10.67
C LYS B 473 10.92 -26.06 -9.84
N GLU B 474 11.74 -25.25 -10.52
CA GLU B 474 12.78 -24.45 -9.88
C GLU B 474 12.29 -23.71 -8.62
N ILE B 475 11.10 -23.12 -8.71
CA ILE B 475 10.60 -22.28 -7.63
C ILE B 475 9.79 -23.07 -6.60
N TRP B 476 8.78 -23.81 -7.07
CA TRP B 476 7.84 -24.50 -6.18
C TRP B 476 8.45 -25.67 -5.43
N ASP B 477 9.33 -26.42 -6.09
CA ASP B 477 9.87 -27.64 -5.50
C ASP B 477 11.26 -27.44 -4.91
N ASP B 478 11.67 -26.19 -4.77
CA ASP B 478 12.97 -25.90 -4.18
C ASP B 478 12.93 -24.64 -3.33
N ILE B 479 13.25 -23.50 -3.95
CA ILE B 479 13.47 -22.27 -3.21
C ILE B 479 12.25 -21.80 -2.40
N ALA B 480 11.04 -22.03 -2.88
CA ALA B 480 9.85 -21.59 -2.15
C ALA B 480 9.56 -22.47 -0.94
N ILE B 481 10.04 -23.71 -0.96
CA ILE B 481 9.93 -24.62 0.18
C ILE B 481 10.82 -24.15 1.34
N LYS B 482 12.04 -23.79 1.00
CA LYS B 482 12.87 -22.98 1.89
C LYS B 482 12.27 -21.58 1.92
N LEU B 483 12.76 -20.72 2.80
CA LEU B 483 12.23 -19.35 2.90
C LEU B 483 10.73 -19.30 3.24
N GLY B 484 9.89 -19.83 2.35
CA GLY B 484 8.45 -19.74 2.49
C GLY B 484 7.92 -18.41 1.98
N PRO B 485 6.65 -18.09 2.31
CA PRO B 485 6.02 -16.81 1.96
C PRO B 485 6.84 -15.62 2.47
N ILE B 486 7.08 -14.63 1.61
CA ILE B 486 7.79 -13.44 2.03
C ILE B 486 6.81 -12.28 2.18
N CYS B 487 6.28 -12.13 3.40
CA CYS B 487 5.28 -11.10 3.67
C CYS B 487 5.38 -10.60 5.10
N GLY B 488 4.55 -9.62 5.45
CA GLY B 488 4.62 -9.01 6.76
C GLY B 488 5.79 -8.03 6.87
N PRO B 489 6.00 -7.47 8.07
CA PRO B 489 7.00 -6.44 8.32
C PRO B 489 8.44 -6.91 8.10
N GLN B 490 8.67 -8.22 8.15
CA GLN B 490 10.03 -8.74 7.97
C GLN B 490 10.41 -8.92 6.50
N SER B 491 9.48 -8.67 5.60
CA SER B 491 9.69 -8.98 4.18
C SER B 491 10.50 -7.93 3.42
N VAL B 492 11.03 -6.93 4.11
CA VAL B 492 11.84 -5.91 3.44
C VAL B 492 13.21 -6.48 3.07
N ASN B 493 13.61 -7.57 3.73
CA ASN B 493 14.81 -8.31 3.35
C ASN B 493 14.76 -9.75 3.87
N LEU B 494 15.79 -10.54 3.57
CA LEU B 494 15.74 -11.97 3.88
C LEU B 494 16.50 -12.38 5.14
N ILE B 495 16.91 -11.40 5.95
CA ILE B 495 17.64 -11.70 7.18
C ILE B 495 16.90 -12.70 8.06
N ASN B 496 15.59 -12.51 8.20
CA ASN B 496 14.80 -13.36 9.09
C ASN B 496 14.22 -14.61 8.40
N TYR B 497 14.66 -14.90 7.18
CA TYR B 497 14.11 -16.02 6.43
C TYR B 497 15.14 -17.10 6.10
N VAL B 498 16.42 -16.74 6.13
CA VAL B 498 17.47 -17.69 5.85
C VAL B 498 17.95 -18.37 7.13
N SER B 499 18.91 -19.27 6.99
CA SER B 499 19.50 -19.94 8.15
C SER B 499 20.20 -18.93 9.05
N PRO B 500 20.08 -19.11 10.37
CA PRO B 500 20.79 -18.26 11.34
C PRO B 500 22.30 -18.27 11.09
N GLN B 501 22.81 -19.38 10.56
CA GLN B 501 24.23 -19.49 10.26
C GLN B 501 24.64 -18.54 9.15
N GLU B 502 23.80 -18.38 8.14
CA GLU B 502 24.09 -17.49 7.03
C GLU B 502 24.14 -16.03 7.51
N VAL B 503 23.30 -15.70 8.48
CA VAL B 503 23.32 -14.38 9.08
C VAL B 503 24.61 -14.17 9.87
N LYS B 504 25.00 -15.19 10.63
CA LYS B 504 26.20 -15.11 11.46
C LYS B 504 27.48 -15.13 10.64
N ASN B 505 27.43 -15.70 9.44
CA ASN B 505 28.61 -15.78 8.59
C ASN B 505 28.95 -14.44 7.93
N ILE B 506 28.04 -13.48 8.01
CA ILE B 506 28.33 -12.12 7.56
C ILE B 506 29.22 -11.42 8.59
N LYS B 507 30.43 -11.05 8.18
CA LYS B 507 31.41 -10.49 9.10
C LYS B 507 31.22 -9.00 9.33
N ASN B 508 30.72 -8.30 8.32
CA ASN B 508 30.44 -6.87 8.47
C ASN B 508 29.11 -6.65 9.18
N ILE B 509 29.19 -6.42 10.49
CA ILE B 509 28.00 -6.28 11.33
C ILE B 509 27.10 -5.14 10.86
N ASN B 510 27.71 -4.07 10.35
CA ASN B 510 26.96 -2.91 9.89
C ASN B 510 26.01 -3.25 8.75
N LEU B 511 26.35 -4.28 7.98
CA LEU B 511 25.52 -4.75 6.89
C LEU B 511 24.17 -5.22 7.43
N ILE B 512 24.22 -5.84 8.60
CA ILE B 512 23.01 -6.31 9.28
C ILE B 512 22.35 -5.18 10.07
N ALA B 513 23.15 -4.48 10.87
CA ALA B 513 22.67 -3.40 11.71
C ALA B 513 21.95 -2.34 10.89
N ARG B 514 22.45 -2.11 9.68
CA ARG B 514 21.78 -1.17 8.80
C ARG B 514 20.75 -1.88 7.96
N ASN B 515 20.34 -3.10 8.34
CA ASN B 515 19.24 -3.78 7.62
C ASN B 515 18.26 -4.59 8.46
N THR B 516 18.24 -4.34 9.77
CA THR B 516 17.28 -5.02 10.62
C THR B 516 15.88 -4.42 10.47
N ILE B 517 14.88 -4.90 11.22
CA ILE B 517 13.48 -4.51 10.97
C ILE B 517 12.94 -3.35 11.80
N GLY B 518 13.39 -3.22 13.05
CA GLY B 518 13.12 -2.02 13.83
C GLY B 518 13.86 -0.77 13.34
N LYS B 519 15.16 -0.92 13.07
CA LYS B 519 15.93 0.18 12.53
C LYS B 519 15.31 0.75 11.25
N GLN B 520 14.50 -0.09 10.56
CA GLN B 520 14.05 0.20 9.19
C GLN B 520 13.62 1.65 9.05
N LEU B 521 14.04 2.28 7.95
CA LEU B 521 14.00 3.73 7.81
C LEU B 521 12.63 4.30 8.09
N GLY B 522 11.59 3.52 7.81
CA GLY B 522 10.24 4.01 7.92
C GLY B 522 9.98 4.93 6.75
N TRP B 523 8.71 5.07 6.39
CA TRP B 523 8.37 5.89 5.23
C TRP B 523 8.66 7.36 5.51
N PHE B 524 8.45 7.75 6.77
CA PHE B 524 8.66 9.13 7.19
C PHE B 524 10.13 9.55 7.08
N SER B 525 11.00 8.85 7.79
CA SER B 525 12.42 9.22 7.82
C SER B 525 13.15 8.74 6.58
N GLY B 526 12.54 7.83 5.83
CA GLY B 526 13.08 7.42 4.56
C GLY B 526 13.04 8.61 3.60
N LYS B 527 11.96 9.39 3.71
CA LYS B 527 11.81 10.59 2.90
C LYS B 527 12.83 11.66 3.28
N ILE B 528 13.05 11.82 4.58
CA ILE B 528 14.00 12.80 5.08
C ILE B 528 15.42 12.37 4.73
N TYR B 529 15.69 11.06 4.85
CA TYR B 529 16.94 10.47 4.39
C TYR B 529 17.20 10.86 2.94
N GLY B 530 16.16 10.75 2.10
CA GLY B 530 16.27 11.09 0.70
C GLY B 530 16.65 12.53 0.47
N LEU B 531 16.09 13.43 1.28
CA LEU B 531 16.44 14.85 1.19
C LEU B 531 17.91 15.06 1.54
N LEU B 532 18.36 14.41 2.61
CA LEU B 532 19.74 14.52 3.05
C LEU B 532 20.68 13.99 1.98
N MET B 533 20.31 12.85 1.40
CA MET B 533 21.09 12.25 0.32
C MET B 533 21.16 13.19 -0.89
N GLU B 534 20.05 13.87 -1.15
CA GLU B 534 19.98 14.82 -2.25
C GLU B 534 20.94 15.99 -2.01
N ILE B 535 21.21 16.28 -0.74
CA ILE B 535 22.11 17.36 -0.38
C ILE B 535 23.57 16.92 -0.45
N VAL B 536 23.88 15.73 0.07
CA VAL B 536 25.26 15.24 0.05
C VAL B 536 25.68 14.97 -1.38
N ASN B 537 24.70 14.75 -2.26
CA ASN B 537 24.97 14.55 -3.68
C ASN B 537 25.59 15.79 -4.31
N LYS B 538 25.27 16.95 -3.75
CA LYS B 538 25.75 18.23 -4.27
C LYS B 538 26.98 18.74 -3.54
N ILE B 539 27.02 18.57 -2.22
CA ILE B 539 28.10 19.18 -1.43
C ILE B 539 28.80 18.19 -0.49
N GLY B 540 28.47 16.92 -0.59
CA GLY B 540 29.11 15.90 0.23
C GLY B 540 28.61 15.90 1.67
N TRP B 541 29.01 14.90 2.43
CA TRP B 541 28.55 14.76 3.80
C TRP B 541 29.11 15.86 4.71
N ASN B 542 30.37 16.20 4.52
CA ASN B 542 31.00 17.25 5.30
C ASN B 542 30.35 18.60 5.03
N GLY B 543 29.91 18.80 3.80
CA GLY B 543 29.18 20.00 3.44
C GLY B 543 27.84 20.03 4.15
N LEU B 544 27.21 18.87 4.25
CA LEU B 544 25.94 18.74 4.95
C LEU B 544 26.08 19.09 6.43
N LEU B 545 27.19 18.69 7.04
CA LEU B 545 27.46 19.04 8.43
C LEU B 545 27.60 20.54 8.64
N ASN B 546 28.25 21.20 7.68
CA ASN B 546 28.47 22.64 7.76
C ASN B 546 27.16 23.42 7.71
N ILE B 547 26.22 22.91 6.92
CA ILE B 547 24.89 23.52 6.82
C ILE B 547 24.15 23.35 8.14
N ARG B 548 24.34 22.20 8.79
CA ARG B 548 23.71 21.91 10.07
C ARG B 548 24.10 22.92 11.14
N THR B 549 25.33 23.39 11.11
CA THR B 549 25.78 24.39 12.08
C THR B 549 25.36 25.78 11.62
N GLU B 550 25.31 25.98 10.31
CA GLU B 550 24.75 27.20 9.73
C GLU B 550 23.31 27.36 10.22
N ALA B 551 22.58 26.25 10.23
CA ALA B 551 21.21 26.23 10.72
C ALA B 551 21.16 26.48 12.22
N PHE B 552 22.14 25.96 12.94
CA PHE B 552 22.25 26.17 14.38
C PHE B 552 22.51 27.65 14.70
N MET B 553 23.30 28.30 13.86
CA MET B 553 23.61 29.72 14.04
C MET B 553 22.41 30.61 13.71
N MET B 554 21.37 29.99 13.14
CA MET B 554 20.17 30.70 12.70
C MET B 554 20.51 31.77 11.66
N CYS B 582 21.46 20.63 19.18
CA CYS B 582 20.29 21.24 18.58
C CYS B 582 19.10 20.27 18.46
N GLU B 583 19.34 18.96 18.56
CA GLU B 583 18.27 17.94 18.45
C GLU B 583 18.90 16.53 18.40
N GLY B 584 18.10 15.47 18.30
CA GLY B 584 18.60 14.11 18.35
C GLY B 584 18.21 13.09 17.28
N TRP B 585 16.95 13.06 16.88
CA TRP B 585 16.48 12.04 15.91
C TRP B 585 17.00 12.28 14.49
N LEU B 586 17.23 13.55 14.17
CA LEU B 586 17.80 13.92 12.88
C LEU B 586 19.28 13.59 12.90
N ASP B 587 19.92 13.77 14.05
CA ASP B 587 21.32 13.39 14.22
C ASP B 587 21.50 11.90 13.99
N ASP B 588 20.51 11.12 14.40
CA ASP B 588 20.52 9.68 14.18
C ASP B 588 20.55 9.38 12.68
N LEU B 589 19.78 10.15 11.91
CA LEU B 589 19.74 9.98 10.46
C LEU B 589 21.09 10.35 9.84
N PHE B 590 21.69 11.44 10.32
CA PHE B 590 22.99 11.86 9.84
C PHE B 590 24.03 10.75 9.98
N LEU B 591 24.09 10.15 11.17
CA LEU B 591 25.04 9.08 11.42
C LEU B 591 24.71 7.84 10.59
N ASP B 592 23.42 7.52 10.48
CA ASP B 592 22.97 6.40 9.64
C ASP B 592 23.40 6.63 8.20
N LEU B 593 23.17 7.86 7.73
CA LEU B 593 23.56 8.25 6.39
C LEU B 593 25.05 8.05 6.17
N TYR B 594 25.86 8.48 7.14
CA TYR B 594 27.31 8.35 7.07
C TYR B 594 27.73 6.89 6.93
N GLN B 595 27.19 6.04 7.80
CA GLN B 595 27.55 4.63 7.78
C GLN B 595 27.13 3.96 6.47
N ASP B 596 25.96 4.35 5.96
CA ASP B 596 25.49 3.81 4.69
C ASP B 596 26.41 4.20 3.55
N LEU B 597 26.92 5.43 3.58
CA LEU B 597 27.84 5.91 2.57
C LEU B 597 29.16 5.16 2.60
N LYS B 598 29.65 4.84 3.80
CA LYS B 598 30.87 4.06 3.93
C LYS B 598 30.65 2.65 3.42
N LEU B 599 29.52 2.07 3.79
CA LEU B 599 29.13 0.75 3.32
C LEU B 599 29.01 0.70 1.79
N SER B 600 28.55 1.80 1.20
CA SER B 600 28.26 1.84 -0.22
C SER B 600 29.51 1.79 -1.10
N LYS B 601 30.68 2.02 -0.51
CA LYS B 601 31.91 1.99 -1.29
C LYS B 601 32.77 0.79 -0.95
N ILE B 602 32.14 -0.26 -0.46
CA ILE B 602 32.81 -1.54 -0.30
C ILE B 602 32.87 -2.26 -1.66
N SER B 603 34.08 -2.58 -2.10
CA SER B 603 34.26 -3.44 -3.27
C SER B 603 34.44 -4.86 -2.75
N LEU B 604 33.56 -5.76 -3.18
CA LEU B 604 33.41 -7.02 -2.46
C LEU B 604 34.06 -8.25 -3.11
N SER B 605 35.17 -8.07 -3.82
CA SER B 605 35.97 -9.24 -4.20
C SER B 605 37.41 -9.01 -4.65
N ASN B 606 37.73 -9.66 -5.77
CA ASN B 606 38.89 -10.54 -5.86
C ASN B 606 40.17 -10.28 -5.05
N LYS B 607 40.45 -11.29 -4.22
CA LYS B 607 41.59 -12.17 -4.46
C LYS B 607 40.79 -13.46 -4.23
N ASP B 608 39.55 -13.37 -4.70
CA ASP B 608 38.54 -14.43 -4.65
C ASP B 608 38.23 -14.92 -3.23
N GLU B 609 37.35 -14.18 -2.55
CA GLU B 609 36.63 -14.73 -1.39
C GLU B 609 35.33 -15.33 -1.91
N LYS B 610 34.43 -15.66 -1.00
CA LYS B 610 33.07 -16.03 -1.39
C LYS B 610 32.11 -15.29 -0.47
N HIS B 611 31.00 -14.82 -1.03
CA HIS B 611 29.99 -14.13 -0.24
C HIS B 611 28.62 -14.70 -0.52
N SER B 612 27.83 -14.87 0.54
CA SER B 612 26.49 -15.43 0.41
C SER B 612 25.58 -14.49 -0.38
N GLY B 613 24.46 -15.03 -0.85
CA GLY B 613 23.47 -14.22 -1.54
C GLY B 613 22.91 -13.14 -0.64
N LEU B 614 22.73 -13.47 0.64
CA LEU B 614 22.19 -12.53 1.61
C LEU B 614 23.07 -11.28 1.73
N GLU B 615 24.38 -11.50 1.72
CA GLU B 615 25.31 -10.39 1.80
C GLU B 615 25.20 -9.47 0.59
N TRP B 616 25.11 -10.05 -0.62
CA TRP B 616 24.95 -9.26 -1.83
C TRP B 616 23.65 -8.48 -1.81
N GLU B 617 22.59 -9.13 -1.33
CA GLU B 617 21.29 -8.49 -1.22
C GLU B 617 21.34 -7.27 -0.31
N LEU B 618 21.80 -7.48 0.93
CA LEU B 618 21.88 -6.41 1.91
C LEU B 618 22.72 -5.24 1.41
N LEU B 619 23.84 -5.54 0.76
CA LEU B 619 24.70 -4.50 0.22
C LEU B 619 23.99 -3.76 -0.90
N GLY B 620 23.18 -4.48 -1.67
CA GLY B 620 22.42 -3.88 -2.75
C GLY B 620 21.38 -2.91 -2.23
N LEU B 621 20.72 -3.30 -1.14
CA LEU B 621 19.68 -2.47 -0.54
C LEU B 621 20.26 -1.14 -0.04
N ILE B 622 21.48 -1.19 0.49
CA ILE B 622 22.14 -0.01 1.00
C ILE B 622 22.60 0.89 -0.15
N MET B 623 23.06 0.28 -1.24
CA MET B 623 23.45 1.03 -2.43
C MET B 623 22.26 1.72 -3.11
N LEU B 624 21.09 1.10 -3.04
CA LEU B 624 19.87 1.76 -3.52
C LEU B 624 19.60 3.00 -2.69
N ARG B 625 19.74 2.82 -1.38
CA ARG B 625 19.47 3.86 -0.40
C ARG B 625 20.37 5.08 -0.60
N THR B 626 21.59 4.84 -1.09
CA THR B 626 22.54 5.93 -1.30
C THR B 626 22.70 6.28 -2.78
N TRP B 627 21.73 5.85 -3.59
CA TRP B 627 21.62 6.25 -5.00
C TRP B 627 22.79 5.78 -5.87
N HIS B 628 23.48 4.72 -5.44
CA HIS B 628 24.48 4.08 -6.27
C HIS B 628 23.82 3.02 -7.15
N TRP B 629 23.16 3.46 -8.22
CA TRP B 629 22.26 2.60 -8.98
C TRP B 629 22.97 1.46 -9.70
N GLU B 630 24.04 1.77 -10.41
CA GLU B 630 24.81 0.75 -11.13
C GLU B 630 25.34 -0.34 -10.20
N ASP B 631 25.93 0.07 -9.08
CA ASP B 631 26.43 -0.89 -8.10
C ASP B 631 25.30 -1.68 -7.45
N ALA B 632 24.16 -1.01 -7.21
CA ALA B 632 23.02 -1.67 -6.56
C ALA B 632 22.44 -2.77 -7.44
N VAL B 633 22.16 -2.45 -8.69
CA VAL B 633 21.61 -3.44 -9.62
C VAL B 633 22.56 -4.61 -9.77
N ALA B 634 23.86 -4.32 -9.86
CA ALA B 634 24.88 -5.34 -9.98
C ALA B 634 24.90 -6.27 -8.76
N CYS B 635 24.85 -5.70 -7.55
CA CYS B 635 24.85 -6.51 -6.34
C CYS B 635 23.57 -7.34 -6.18
N LEU B 636 22.42 -6.73 -6.49
CA LEU B 636 21.15 -7.45 -6.37
C LEU B 636 21.07 -8.61 -7.37
N ARG B 637 21.59 -8.41 -8.58
CA ARG B 637 21.58 -9.48 -9.58
C ARG B 637 22.45 -10.66 -9.16
N THR B 638 23.62 -10.38 -8.57
CA THR B 638 24.51 -11.45 -8.14
C THR B 638 23.96 -12.20 -6.92
N SER B 639 23.07 -11.56 -6.16
CA SER B 639 22.41 -12.25 -5.05
C SER B 639 21.41 -13.29 -5.54
N ILE B 640 21.02 -13.18 -6.81
CA ILE B 640 20.05 -14.09 -7.41
C ILE B 640 20.77 -15.23 -8.15
N VAL B 641 22.03 -15.01 -8.47
CA VAL B 641 22.83 -16.02 -9.16
C VAL B 641 22.92 -17.30 -8.31
N ALA B 642 23.13 -17.15 -7.02
CA ALA B 642 23.15 -18.28 -6.10
C ALA B 642 21.78 -18.95 -6.05
N ARG B 643 20.85 -18.33 -5.33
CA ARG B 643 19.48 -18.80 -5.22
C ARG B 643 18.55 -17.71 -5.73
N PHE B 644 17.30 -18.06 -6.03
CA PHE B 644 16.34 -17.01 -6.36
C PHE B 644 16.02 -16.21 -5.10
N ASP B 645 16.02 -14.89 -5.23
CA ASP B 645 15.88 -13.98 -4.11
C ASP B 645 14.70 -13.04 -4.33
N PRO B 646 13.55 -13.37 -3.73
CA PRO B 646 12.30 -12.62 -3.96
C PRO B 646 12.45 -11.13 -3.65
N VAL B 647 13.23 -10.80 -2.63
CA VAL B 647 13.44 -9.42 -2.22
C VAL B 647 14.26 -8.64 -3.25
N SER B 648 15.38 -9.22 -3.66
CA SER B 648 16.23 -8.62 -4.68
C SER B 648 15.44 -8.49 -5.97
N CYS B 649 14.70 -9.54 -6.31
CA CYS B 649 13.89 -9.57 -7.53
C CYS B 649 12.91 -8.40 -7.57
N GLN B 650 12.19 -8.20 -6.47
CA GLN B 650 11.18 -7.16 -6.41
C GLN B 650 11.80 -5.77 -6.58
N GLN B 651 12.95 -5.55 -5.95
CA GLN B 651 13.66 -4.28 -6.12
C GLN B 651 14.07 -4.04 -7.58
N LEU B 652 14.54 -5.07 -8.26
CA LEU B 652 14.94 -4.95 -9.66
C LEU B 652 13.74 -4.65 -10.56
N LEU B 653 12.63 -5.37 -10.35
CA LEU B 653 11.40 -5.12 -11.10
C LEU B 653 10.92 -3.69 -10.89
N LYS B 654 11.04 -3.21 -9.66
CA LYS B 654 10.62 -1.86 -9.30
C LYS B 654 11.45 -0.81 -10.03
N ILE B 655 12.76 -1.03 -10.11
CA ILE B 655 13.67 -0.16 -10.85
C ILE B 655 13.28 -0.06 -12.32
N TYR B 656 12.91 -1.19 -12.91
CA TYR B 656 12.49 -1.20 -14.30
C TYR B 656 11.16 -0.47 -14.49
N LEU B 657 10.23 -0.67 -13.56
CA LEU B 657 8.91 -0.07 -13.65
C LEU B 657 8.97 1.44 -13.48
N GLN B 658 9.67 1.89 -12.44
CA GLN B 658 9.87 3.31 -12.21
C GLN B 658 11.34 3.62 -11.91
N PRO B 659 12.11 3.92 -12.95
CA PRO B 659 13.55 4.25 -12.88
C PRO B 659 13.82 5.48 -12.04
N PRO B 660 15.05 5.59 -11.49
CA PRO B 660 15.47 6.82 -10.83
C PRO B 660 15.50 7.97 -11.82
N LYS B 661 15.18 9.18 -11.37
CA LYS B 661 15.08 10.32 -12.26
C LYS B 661 16.43 10.93 -12.63
N ASN B 662 17.44 10.70 -11.78
CA ASN B 662 18.71 11.40 -11.93
C ASN B 662 19.72 10.70 -12.85
N ILE B 663 19.31 9.61 -13.48
CA ILE B 663 20.17 8.93 -14.43
C ILE B 663 20.01 9.55 -15.83
N GLN B 664 21.02 9.39 -16.68
CA GLN B 664 21.00 9.99 -18.01
C GLN B 664 20.24 9.13 -19.02
N GLU B 665 18.98 8.82 -18.68
CA GLU B 665 18.10 7.98 -19.49
C GLU B 665 18.74 6.62 -19.76
N VAL B 666 19.41 6.08 -18.74
CA VAL B 666 20.13 4.81 -18.86
C VAL B 666 19.21 3.62 -18.62
N THR B 667 19.42 2.56 -19.39
CA THR B 667 18.73 1.30 -19.14
C THR B 667 19.61 0.42 -18.26
N LEU B 668 19.19 0.25 -17.01
CA LEU B 668 19.93 -0.56 -16.07
C LEU B 668 19.68 -2.04 -16.30
N LEU B 669 18.46 -2.37 -16.74
CA LEU B 669 18.06 -3.75 -16.95
C LEU B 669 17.33 -3.92 -18.29
N ASP B 670 17.85 -4.78 -19.17
CA ASP B 670 17.20 -5.00 -20.45
C ASP B 670 15.97 -5.88 -20.24
N THR B 671 15.09 -5.93 -21.24
CA THR B 671 13.82 -6.65 -21.09
C THR B 671 14.02 -8.16 -20.93
N ASP B 672 15.08 -8.70 -21.52
CA ASP B 672 15.35 -10.13 -21.38
C ASP B 672 15.67 -10.50 -19.93
N THR B 673 16.43 -9.66 -19.26
CA THR B 673 16.74 -9.86 -17.85
C THR B 673 15.48 -9.73 -17.01
N ILE B 674 14.69 -8.70 -17.29
CA ILE B 674 13.46 -8.44 -16.54
C ILE B 674 12.44 -9.55 -16.69
N ILE B 675 12.22 -10.00 -17.92
CA ILE B 675 11.26 -11.05 -18.19
C ILE B 675 11.65 -12.35 -17.48
N SER B 676 12.94 -12.65 -17.47
CA SER B 676 13.45 -13.80 -16.73
C SER B 676 13.09 -13.70 -15.24
N LEU B 677 13.32 -12.53 -14.65
CA LEU B 677 12.98 -12.32 -13.24
C LEU B 677 11.48 -12.34 -12.99
N LEU B 678 10.72 -11.71 -13.89
CA LEU B 678 9.28 -11.58 -13.72
C LEU B 678 8.56 -12.93 -13.69
N ILE B 679 8.98 -13.85 -14.56
CA ILE B 679 8.38 -15.17 -14.60
C ILE B 679 8.63 -15.93 -13.29
N LYS B 680 9.85 -15.86 -12.77
CA LYS B 680 10.16 -16.50 -11.51
C LYS B 680 9.33 -15.89 -10.38
N LYS B 681 9.21 -14.57 -10.38
CA LYS B 681 8.47 -13.86 -9.35
C LYS B 681 6.98 -14.22 -9.37
N ILE B 682 6.41 -14.25 -10.56
CA ILE B 682 5.01 -14.66 -10.74
C ILE B 682 4.81 -16.08 -10.22
N SER B 683 5.74 -16.97 -10.55
CA SER B 683 5.69 -18.34 -10.07
C SER B 683 5.74 -18.39 -8.54
N TYR B 684 6.65 -17.62 -7.95
CA TYR B 684 6.82 -17.59 -6.50
C TYR B 684 5.54 -17.10 -5.82
N ASP B 685 5.00 -15.97 -6.29
CA ASP B 685 3.75 -15.42 -5.74
C ASP B 685 2.59 -16.40 -5.82
N CYS B 686 2.53 -17.17 -6.91
CA CYS B 686 1.45 -18.14 -7.09
C CYS B 686 1.56 -19.29 -6.11
N ARG B 687 2.78 -19.65 -5.74
CA ARG B 687 3.00 -20.78 -4.83
C ARG B 687 2.21 -20.60 -3.55
N TYR B 688 2.21 -19.37 -3.02
CA TYR B 688 1.49 -19.09 -1.80
C TYR B 688 0.30 -18.16 -2.02
N TYR B 689 -0.39 -18.41 -3.13
CA TYR B 689 -1.79 -18.03 -3.34
C TYR B 689 -2.03 -16.56 -3.72
N ASN B 690 -0.99 -15.86 -4.16
CA ASN B 690 -1.19 -14.53 -4.73
C ASN B 690 -1.53 -14.67 -6.21
N TYR B 691 -2.82 -14.68 -6.52
CA TYR B 691 -3.28 -14.77 -7.90
C TYR B 691 -3.87 -13.45 -8.37
N CYS B 692 -3.54 -12.38 -7.64
CA CYS B 692 -4.04 -11.05 -7.97
C CYS B 692 -2.95 -10.24 -8.67
N GLN B 693 -1.81 -10.08 -7.99
CA GLN B 693 -0.58 -9.58 -8.59
C GLN B 693 -0.72 -8.31 -9.42
N ILE B 694 -1.26 -7.26 -8.81
CA ILE B 694 -1.43 -5.98 -9.48
C ILE B 694 -0.09 -5.43 -10.01
N PHE B 695 0.94 -5.49 -9.18
CA PHE B 695 2.27 -5.01 -9.57
C PHE B 695 2.78 -5.69 -10.83
N ASN B 696 2.69 -7.02 -10.87
CA ASN B 696 3.21 -7.76 -12.02
C ASN B 696 2.38 -7.50 -13.28
N LEU B 697 1.09 -7.22 -13.11
CA LEU B 697 0.25 -6.79 -14.22
C LEU B 697 0.76 -5.48 -14.80
N GLN B 698 1.04 -4.53 -13.91
CA GLN B 698 1.63 -3.26 -14.29
C GLN B 698 2.89 -3.44 -15.11
N LEU B 699 3.73 -4.36 -14.67
CA LEU B 699 5.00 -4.58 -15.33
C LEU B 699 4.80 -5.26 -16.69
N LEU B 700 3.86 -6.20 -16.75
CA LEU B 700 3.50 -6.84 -18.01
C LEU B 700 2.98 -5.81 -19.02
N GLU B 701 2.20 -4.85 -18.53
CA GLU B 701 1.64 -3.82 -19.39
C GLU B 701 2.75 -2.95 -19.97
N LYS B 702 3.74 -2.62 -19.15
CA LYS B 702 4.85 -1.82 -19.60
C LYS B 702 5.66 -2.58 -20.65
N LEU B 703 5.88 -3.87 -20.41
CA LEU B 703 6.57 -4.74 -21.36
C LEU B 703 5.81 -4.86 -22.67
N CYS B 704 4.48 -4.96 -22.58
CA CYS B 704 3.64 -4.99 -23.78
C CYS B 704 3.79 -3.71 -24.58
N ASN B 705 3.84 -2.58 -23.88
CA ASN B 705 3.95 -1.28 -24.52
C ASN B 705 5.20 -1.16 -25.38
N GLU B 706 6.36 -1.54 -24.84
CA GLU B 706 7.59 -1.29 -25.58
C GLU B 706 8.04 -2.47 -26.45
N LEU B 707 7.46 -3.64 -26.26
CA LEU B 707 7.82 -4.80 -27.06
C LEU B 707 6.73 -5.21 -28.05
N GLY B 708 5.48 -4.95 -27.69
CA GLY B 708 4.36 -5.57 -28.39
C GLY B 708 4.12 -6.92 -27.74
N THR B 709 2.89 -7.42 -27.85
CA THR B 709 2.50 -8.61 -27.10
C THR B 709 3.07 -9.89 -27.72
N HIS B 710 3.32 -9.86 -29.03
CA HIS B 710 3.85 -11.04 -29.71
C HIS B 710 5.28 -11.34 -29.27
N ILE B 711 6.15 -10.36 -29.42
CA ILE B 711 7.55 -10.51 -29.02
C ILE B 711 7.68 -10.80 -27.52
N LEU B 712 6.85 -10.16 -26.72
CA LEU B 712 6.85 -10.42 -25.28
C LEU B 712 6.56 -11.89 -24.99
N ARG B 713 5.54 -12.43 -25.65
CA ARG B 713 5.15 -13.81 -25.41
C ARG B 713 6.22 -14.77 -25.93
N ASN B 714 6.89 -14.40 -27.02
CA ASN B 714 8.04 -15.18 -27.48
C ASN B 714 9.10 -15.31 -26.39
N LYS B 715 9.46 -14.19 -25.78
CA LYS B 715 10.50 -14.19 -24.76
C LYS B 715 10.09 -14.98 -23.53
N ILE B 716 8.79 -14.99 -23.22
CA ILE B 716 8.29 -15.77 -22.10
C ILE B 716 8.41 -17.27 -22.39
N LEU B 717 8.06 -17.66 -23.61
CA LEU B 717 8.16 -19.06 -24.04
C LEU B 717 9.60 -19.57 -24.07
N LEU B 718 10.56 -18.65 -24.18
CA LEU B 718 11.97 -18.98 -24.22
C LEU B 718 12.54 -19.41 -22.86
N GLN B 719 11.89 -19.00 -21.78
CA GLN B 719 12.36 -19.30 -20.43
C GLN B 719 12.45 -20.80 -20.20
N PRO B 720 13.57 -21.26 -19.64
CA PRO B 720 13.84 -22.69 -19.44
C PRO B 720 12.89 -23.36 -18.45
N SER B 721 12.29 -22.60 -17.55
CA SER B 721 11.41 -23.18 -16.52
C SER B 721 9.94 -23.22 -16.97
N ILE B 722 9.67 -22.79 -18.19
CA ILE B 722 8.29 -22.59 -18.64
C ILE B 722 7.55 -23.91 -18.91
N GLY B 723 6.25 -23.90 -18.66
CA GLY B 723 5.41 -25.08 -18.83
C GLY B 723 3.94 -24.70 -18.81
N ASP B 724 3.06 -25.70 -18.91
CA ASP B 724 1.63 -25.45 -18.95
C ASP B 724 1.10 -24.71 -17.73
N GLU B 725 1.56 -25.12 -16.55
CA GLU B 725 1.04 -24.58 -15.30
C GLU B 725 1.31 -23.09 -15.13
N ILE B 726 2.48 -22.63 -15.57
CA ILE B 726 2.82 -21.23 -15.43
C ILE B 726 2.18 -20.42 -16.57
N MET B 727 2.02 -21.05 -17.73
CA MET B 727 1.41 -20.36 -18.88
C MET B 727 -0.09 -20.14 -18.72
N VAL B 728 -0.75 -20.97 -17.91
CA VAL B 728 -2.15 -20.76 -17.59
C VAL B 728 -2.32 -19.40 -16.93
N MET B 729 -1.44 -19.13 -15.96
CA MET B 729 -1.48 -17.87 -15.23
C MET B 729 -1.12 -16.69 -16.13
N ILE B 730 -0.01 -16.82 -16.86
CA ILE B 730 0.50 -15.73 -17.69
C ILE B 730 -0.44 -15.39 -18.84
N ASP B 731 -0.94 -16.41 -19.53
CA ASP B 731 -1.86 -16.16 -20.65
C ASP B 731 -3.19 -15.59 -20.18
N ALA B 732 -3.57 -15.89 -18.94
CA ALA B 732 -4.76 -15.28 -18.36
C ALA B 732 -4.53 -13.80 -18.13
N MET B 733 -3.34 -13.46 -17.63
CA MET B 733 -2.93 -12.07 -17.42
C MET B 733 -2.86 -11.31 -18.75
N LEU B 734 -2.23 -11.92 -19.75
CA LEU B 734 -2.08 -11.29 -21.06
C LEU B 734 -3.42 -11.08 -21.75
N ALA B 735 -4.34 -12.04 -21.59
CA ALA B 735 -5.65 -11.94 -22.21
C ALA B 735 -6.45 -10.78 -21.60
N TRP B 736 -6.34 -10.63 -20.28
CA TRP B 736 -7.00 -9.54 -19.57
C TRP B 736 -6.49 -8.19 -20.06
N ILE B 737 -5.17 -8.08 -20.21
CA ILE B 737 -4.55 -6.86 -20.70
C ILE B 737 -4.96 -6.56 -22.15
N ALA B 738 -5.00 -7.59 -22.98
CA ALA B 738 -5.39 -7.44 -24.38
C ALA B 738 -6.84 -7.00 -24.53
N ASP B 739 -7.71 -7.47 -23.65
CA ASP B 739 -9.11 -7.07 -23.66
C ASP B 739 -9.26 -5.58 -23.42
N LEU B 740 -8.40 -5.03 -22.56
CA LEU B 740 -8.49 -3.63 -22.18
C LEU B 740 -8.09 -2.67 -23.29
N ASP B 741 -7.33 -3.16 -24.27
CA ASP B 741 -6.91 -2.31 -25.37
C ASP B 741 -7.90 -2.40 -26.53
N HIS B 742 -9.12 -1.95 -26.28
CA HIS B 742 -10.17 -1.92 -27.29
C HIS B 742 -10.99 -0.63 -27.20
N THR B 743 -11.32 -0.25 -25.97
CA THR B 743 -12.19 0.91 -25.72
C THR B 743 -11.58 2.20 -26.26
N TYR C 3 -4.09 -13.65 -25.53
CA TYR C 3 -5.17 -14.30 -26.29
C TYR C 3 -5.92 -15.29 -25.39
N TYR C 4 -7.23 -15.38 -25.58
CA TYR C 4 -8.06 -16.28 -24.79
C TYR C 4 -7.99 -17.70 -25.36
N LEU C 5 -7.57 -17.80 -26.61
CA LEU C 5 -7.36 -19.08 -27.27
C LEU C 5 -6.15 -19.79 -26.67
N ASN C 6 -5.08 -19.03 -26.47
CA ASN C 6 -3.90 -19.55 -25.80
C ASN C 6 -4.23 -20.00 -24.39
N LEU C 7 -5.09 -19.25 -23.71
CA LEU C 7 -5.51 -19.58 -22.36
C LEU C 7 -6.25 -20.92 -22.34
N ASN C 8 -7.19 -21.11 -23.25
CA ASN C 8 -7.95 -22.36 -23.34
C ASN C 8 -7.06 -23.54 -23.70
N GLN C 9 -6.05 -23.29 -24.53
CA GLN C 9 -5.13 -24.35 -24.95
C GLN C 9 -4.29 -24.87 -23.78
N ASP C 10 -3.87 -23.95 -22.91
CA ASP C 10 -3.10 -24.31 -21.72
C ASP C 10 -3.92 -25.17 -20.77
N GLU C 11 -5.18 -24.77 -20.57
CA GLU C 11 -6.07 -25.44 -19.64
C GLU C 11 -6.50 -26.82 -20.15
N GLU C 12 -6.73 -26.90 -21.45
CA GLU C 12 -7.02 -28.18 -22.09
C GLU C 12 -5.87 -29.18 -21.92
N SER C 13 -4.66 -28.66 -21.69
CA SER C 13 -3.43 -29.45 -21.64
C SER C 13 -3.05 -29.70 -20.19
N LEU C 14 -3.50 -28.82 -19.31
CA LEU C 14 -3.34 -29.01 -17.87
C LEU C 14 -3.96 -30.32 -17.37
N LEU C 15 -4.97 -30.80 -18.11
CA LEU C 15 -5.80 -31.94 -17.70
C LEU C 15 -5.16 -33.30 -17.94
N ARG C 16 -3.94 -33.29 -18.50
CA ARG C 16 -3.26 -34.55 -18.88
C ARG C 16 -2.09 -34.93 -17.97
#